data_6BCH
#
_entry.id   6BCH
#
_cell.length_a   43.760
_cell.length_b   66.315
_cell.length_c   169.924
_cell.angle_alpha   90.03
_cell.angle_beta   90.03
_cell.angle_gamma   90.22
#
_symmetry.space_group_name_H-M   'P 1'
#
loop_
_entity.id
_entity.type
_entity.pdbx_description
1 polymer 'Ribosomal protein 3/homing endonuclease-like fusion protein'
2 polymer "DNA (5'-D(*GP*GP*TP*CP*TP*AP*AP*AP*CP*GP*TP*CP*GP*TP*AP*T)-3')"
3 polymer 'DNA (26-MER)'
4 polymer "DNA (5'-D(*TP*AP*GP*GP*AP*GP*CP*AP*TP*TP*T)-3')"
5 water water
#
loop_
_entity_poly.entity_id
_entity_poly.type
_entity_poly.pdbx_seq_one_letter_code
_entity_poly.pdbx_strand_id
1 'polypeptide(L)'
;SYSTLANFPVQARNDNISPWTITGFADADSSFMLTVSKDSKRNTGWSVRPRFRIGLHNKDVTILKSIREYLGAGIITSDI
DARIRFESLKELEVVINHFDKYPLITQKRADYLLFKKAFYLIKNKEHLTEEGLNQILTLKASLNLGLSEELKEAFPNTIP
AERLLVTGQEIPDSNWVAGFTAGEGSFYIRIAKNSTLKTGYQVQSVFQITQDTRDIELMKNLISYLNCGNIRIRKYKGSE
GIHDTCVDLVVTNLNDIKEKIIPFFNKNHIIGVKLQDYRDWCKVVTLIDNKEHLTSEGLEKIQKIKEGMNRGRSL
;
A,D,H,L
2 'polydeoxyribonucleotide' (DG)(DG)(DT)(DC)(DT)(DA)(DA)(DA)(DC)(DG)(DT)(DC)(DG)(DT)(DA)(DT) B,E,I,N
3 'polydeoxyribonucleotide'
;(DC)(DA)(DA)(DA)(DT)(DG)(DC)(DT)(DC)(DC)(DT)(DA)(DT)(DA)(DC)(DG)(DA)(DC)(DG)(DT)
(DT)(DT)(DA)(DG)(DA)(DC)
;
C,F,J,O
4 'polydeoxyribonucleotide' (DT)(DA)(DG)(DG)(DA)(DG)(DC)(DA)(DT)(DT)(DT) X,G,K,P
#
# COMPACT_ATOMS: atom_id res chain seq x y z
N ASN A 16 -22.89 -20.99 -3.52
CA ASN A 16 -21.68 -20.32 -3.06
C ASN A 16 -21.97 -19.30 -1.96
N ILE A 17 -21.19 -19.35 -0.89
CA ILE A 17 -21.39 -18.46 0.25
C ILE A 17 -21.10 -17.00 -0.12
N SER A 18 -21.85 -16.09 0.47
CA SER A 18 -21.66 -14.67 0.22
C SER A 18 -20.49 -14.14 1.07
N PRO A 19 -19.77 -13.14 0.53
CA PRO A 19 -18.63 -12.54 1.24
C PRO A 19 -19.06 -11.89 2.56
N TRP A 20 -20.25 -11.32 2.55
CA TRP A 20 -20.79 -10.66 3.73
C TRP A 20 -21.17 -11.66 4.81
N THR A 21 -21.55 -12.87 4.40
CA THR A 21 -21.81 -13.95 5.35
C THR A 21 -20.51 -14.30 6.06
N ILE A 22 -19.44 -14.34 5.28
CA ILE A 22 -18.10 -14.63 5.80
C ILE A 22 -17.69 -13.56 6.80
N THR A 23 -17.89 -12.31 6.42
CA THR A 23 -17.52 -11.21 7.30
C THR A 23 -18.33 -11.22 8.59
N GLY A 24 -19.63 -11.49 8.49
CA GLY A 24 -20.47 -11.59 9.68
C GLY A 24 -20.09 -12.71 10.64
N PHE A 25 -19.79 -13.87 10.06
CA PHE A 25 -19.39 -15.02 10.84
C PHE A 25 -18.04 -14.81 11.53
N ALA A 26 -17.14 -14.15 10.82
CA ALA A 26 -15.83 -13.82 11.38
C ALA A 26 -16.01 -12.78 12.48
N ASP A 27 -16.91 -11.85 12.21
CA ASP A 27 -17.37 -10.85 13.17
C ASP A 27 -17.79 -11.52 14.46
N ALA A 28 -18.40 -12.70 14.36
CA ALA A 28 -18.79 -13.39 15.59
C ALA A 28 -17.66 -14.17 16.26
N ASP A 29 -17.03 -15.08 15.53
CA ASP A 29 -16.14 -16.11 16.12
C ASP A 29 -14.64 -16.02 15.82
N SER A 30 -14.19 -15.07 15.00
CA SER A 30 -12.80 -15.12 14.54
C SER A 30 -11.85 -14.36 15.47
N SER A 31 -10.56 -14.57 15.30
CA SER A 31 -9.53 -13.82 16.03
C SER A 31 -8.33 -13.34 15.23
N PHE A 32 -7.95 -12.08 15.48
CA PHE A 32 -6.72 -11.49 14.97
C PHE A 32 -5.67 -11.45 16.08
N MET A 33 -4.48 -11.97 15.78
CA MET A 33 -3.47 -12.18 16.82
C MET A 33 -2.07 -11.73 16.42
N LEU A 34 -1.29 -11.31 17.41
CA LEU A 34 0.12 -11.01 17.23
C LEU A 34 0.94 -11.76 18.26
N THR A 35 1.82 -12.64 17.80
CA THR A 35 2.73 -13.37 18.69
C THR A 35 4.12 -12.75 18.76
N VAL A 36 4.56 -12.44 19.98
CA VAL A 36 5.89 -11.94 20.24
C VAL A 36 6.64 -12.86 21.20
N SER A 37 7.54 -13.67 20.64
CA SER A 37 8.26 -14.71 21.39
C SER A 37 9.76 -14.42 21.45
N LYS A 38 10.37 -14.61 22.61
CA LYS A 38 11.83 -14.44 22.75
C LYS A 38 12.59 -15.36 21.81
N ASP A 39 13.56 -14.77 21.10
CA ASP A 39 14.35 -15.48 20.09
C ASP A 39 15.76 -14.91 19.96
N SER A 40 16.74 -15.72 20.36
CA SER A 40 18.15 -15.34 20.34
C SER A 40 18.66 -15.01 18.94
N LYS A 41 18.08 -15.64 17.94
CA LYS A 41 18.56 -15.55 16.55
C LYS A 41 18.21 -14.22 15.90
N ARG A 42 17.32 -13.44 16.51
CA ARG A 42 16.91 -12.18 15.92
C ARG A 42 17.73 -11.02 16.48
N ASN A 43 17.89 -9.97 15.68
CA ASN A 43 18.71 -8.83 16.08
C ASN A 43 18.09 -8.07 17.25
N THR A 44 16.75 -8.06 17.30
CA THR A 44 16.03 -7.45 18.40
C THR A 44 15.91 -8.39 19.59
N GLY A 45 16.18 -9.67 19.36
CA GLY A 45 16.02 -10.66 20.40
C GLY A 45 14.61 -11.22 20.46
N TRP A 46 13.76 -10.76 19.54
CA TRP A 46 12.37 -11.17 19.53
C TRP A 46 11.86 -11.54 18.14
N SER A 47 10.92 -12.49 18.13
CA SER A 47 10.21 -12.93 16.94
C SER A 47 8.78 -12.42 17.00
N VAL A 48 8.35 -11.80 15.91
CA VAL A 48 7.01 -11.24 15.79
C VAL A 48 6.27 -11.80 14.58
N ARG A 49 5.03 -12.24 14.80
CA ARG A 49 4.26 -12.79 13.69
C ARG A 49 2.76 -12.54 13.84
N PRO A 50 2.10 -12.27 12.71
CA PRO A 50 0.66 -12.03 12.69
C PRO A 50 -0.13 -13.31 12.38
N ARG A 51 -1.35 -13.39 12.90
CA ARG A 51 -2.23 -14.54 12.66
C ARG A 51 -3.68 -14.09 12.51
N PHE A 52 -4.40 -14.75 11.61
CA PHE A 52 -5.86 -14.65 11.57
C PHE A 52 -6.46 -16.05 11.65
N ARG A 53 -7.47 -16.28 12.48
CA ARG A 53 -7.95 -17.65 12.68
C ARG A 53 -9.45 -17.75 12.97
N ILE A 54 -10.06 -18.83 12.48
CA ILE A 54 -11.41 -19.22 12.87
C ILE A 54 -11.53 -20.67 13.41
N GLY A 55 -12.15 -20.80 14.58
CA GLY A 55 -12.40 -22.08 15.22
C GLY A 55 -13.91 -22.20 15.33
N LEU A 56 -14.45 -23.42 15.38
CA LEU A 56 -15.92 -23.52 15.43
C LEU A 56 -16.51 -24.76 16.13
N HIS A 57 -16.15 -25.93 15.62
CA HIS A 57 -16.40 -27.27 16.22
C HIS A 57 -16.11 -28.24 15.09
N ASN A 58 -15.57 -29.41 15.39
CA ASN A 58 -15.35 -30.39 14.35
C ASN A 58 -16.55 -30.59 13.43
N LYS A 59 -17.75 -30.48 13.99
CA LYS A 59 -18.97 -30.72 13.22
C LYS A 59 -19.13 -29.70 12.11
N ASP A 60 -18.41 -28.58 12.21
CA ASP A 60 -18.59 -27.52 11.24
C ASP A 60 -17.35 -27.32 10.38
N VAL A 61 -16.54 -28.36 10.21
CA VAL A 61 -15.43 -28.25 9.26
C VAL A 61 -15.87 -27.77 7.87
N THR A 62 -17.06 -28.21 7.47
CA THR A 62 -17.61 -27.85 6.17
C THR A 62 -17.74 -26.35 5.95
N ILE A 63 -18.05 -25.61 7.01
CA ILE A 63 -18.15 -24.16 6.91
C ILE A 63 -16.81 -23.58 6.50
N LEU A 64 -15.76 -24.08 7.13
CA LEU A 64 -14.42 -23.61 6.86
C LEU A 64 -14.06 -23.90 5.41
N LYS A 65 -14.50 -25.06 4.92
CA LYS A 65 -14.20 -25.40 3.54
C LYS A 65 -14.84 -24.43 2.58
N SER A 66 -16.04 -23.97 2.91
CA SER A 66 -16.73 -23.03 2.04
C SER A 66 -15.92 -21.75 2.00
N ILE A 67 -15.42 -21.33 3.17
CA ILE A 67 -14.62 -20.14 3.24
C ILE A 67 -13.34 -20.35 2.44
N ARG A 68 -12.73 -21.52 2.63
CA ARG A 68 -11.52 -21.84 1.90
C ARG A 68 -11.82 -21.78 0.41
N GLU A 69 -12.98 -22.33 0.02
CA GLU A 69 -13.33 -22.39 -1.38
C GLU A 69 -13.53 -20.98 -1.89
N TYR A 70 -14.09 -20.12 -1.05
CA TYR A 70 -14.26 -18.75 -1.45
C TYR A 70 -12.90 -18.08 -1.69
N LEU A 71 -11.99 -18.20 -0.72
CA LEU A 71 -10.78 -17.37 -0.79
C LEU A 71 -9.62 -17.96 -1.59
N GLY A 72 -9.59 -19.27 -1.74
CA GLY A 72 -8.47 -19.91 -2.40
C GLY A 72 -7.25 -19.85 -1.49
N ALA A 73 -7.49 -19.83 -0.19
CA ALA A 73 -6.42 -19.66 0.79
C ALA A 73 -6.89 -20.08 2.17
N GLY A 74 -5.94 -20.34 3.07
CA GLY A 74 -6.29 -20.78 4.41
C GLY A 74 -5.88 -22.21 4.66
N ILE A 75 -5.44 -22.51 5.88
CA ILE A 75 -5.03 -23.87 6.21
C ILE A 75 -6.00 -24.46 7.22
N ILE A 76 -6.61 -25.58 6.88
CA ILE A 76 -7.60 -26.22 7.74
C ILE A 76 -7.01 -27.35 8.55
N THR A 77 -7.35 -27.38 9.84
CA THR A 77 -6.94 -28.45 10.74
C THR A 77 -8.14 -28.94 11.55
N SER A 78 -8.07 -30.19 11.97
CA SER A 78 -9.12 -30.80 12.79
C SER A 78 -8.52 -31.71 13.85
N ASP A 79 -8.71 -31.34 15.11
CA ASP A 79 -8.27 -32.15 16.23
C ASP A 79 -9.27 -32.07 17.37
N ILE A 80 -8.96 -31.30 18.40
CA ILE A 80 -9.92 -31.12 19.49
C ILE A 80 -10.99 -30.12 19.04
N ASP A 81 -10.63 -29.32 18.04
CA ASP A 81 -11.57 -28.45 17.35
C ASP A 81 -11.22 -28.33 15.87
N ALA A 82 -12.03 -27.58 15.13
CA ALA A 82 -11.74 -27.35 13.72
C ALA A 82 -11.32 -25.90 13.50
N ARG A 83 -10.23 -25.70 12.77
CA ARG A 83 -9.68 -24.36 12.59
C ARG A 83 -9.29 -24.09 11.15
N ILE A 84 -9.52 -22.87 10.68
CA ILE A 84 -8.86 -22.38 9.49
C ILE A 84 -7.94 -21.21 9.86
N ARG A 85 -6.70 -21.26 9.39
CA ARG A 85 -5.71 -20.26 9.79
C ARG A 85 -5.01 -19.60 8.61
N PHE A 86 -4.64 -18.34 8.83
CA PHE A 86 -3.92 -17.52 7.87
C PHE A 86 -2.72 -16.96 8.61
N GLU A 87 -1.52 -17.37 8.19
CA GLU A 87 -0.30 -17.04 8.91
C GLU A 87 0.80 -16.52 7.98
N SER A 88 0.77 -16.94 6.72
CA SER A 88 1.75 -16.47 5.74
C SER A 88 1.37 -15.07 5.26
N LEU A 89 2.36 -14.30 4.82
CA LEU A 89 2.11 -12.93 4.37
C LEU A 89 1.14 -12.84 3.19
N LYS A 90 1.25 -13.77 2.24
CA LYS A 90 0.35 -13.82 1.10
C LYS A 90 -1.12 -14.07 1.48
N GLU A 91 -1.31 -15.01 2.40
CA GLU A 91 -2.63 -15.36 2.87
C GLU A 91 -3.26 -14.23 3.67
N LEU A 92 -2.44 -13.62 4.53
CA LEU A 92 -2.96 -12.55 5.34
C LEU A 92 -3.26 -11.38 4.41
N GLU A 93 -2.49 -11.26 3.33
CA GLU A 93 -2.74 -10.24 2.32
C GLU A 93 -4.13 -10.45 1.73
N VAL A 94 -4.45 -11.71 1.46
CA VAL A 94 -5.77 -12.07 0.96
C VAL A 94 -6.88 -11.69 1.95
N VAL A 95 -6.62 -11.95 3.23
CA VAL A 95 -7.55 -11.61 4.30
C VAL A 95 -7.80 -10.10 4.39
N ILE A 96 -6.71 -9.34 4.38
CA ILE A 96 -6.81 -7.89 4.46
C ILE A 96 -7.55 -7.36 3.24
N ASN A 97 -7.26 -7.91 2.07
CA ASN A 97 -7.95 -7.47 0.86
C ASN A 97 -9.45 -7.73 0.98
N HIS A 98 -9.80 -8.88 1.56
CA HIS A 98 -11.21 -9.22 1.76
C HIS A 98 -11.90 -8.25 2.71
N PHE A 99 -11.31 -8.01 3.89
CA PHE A 99 -12.00 -7.19 4.88
C PHE A 99 -11.94 -5.72 4.47
N ASP A 100 -10.98 -5.37 3.62
CA ASP A 100 -10.96 -4.05 3.03
C ASP A 100 -12.15 -3.92 2.08
N LYS A 101 -12.50 -5.03 1.42
CA LYS A 101 -13.60 -4.97 0.47
C LYS A 101 -14.94 -5.19 1.18
N TYR A 102 -14.93 -6.09 2.15
CA TYR A 102 -16.12 -6.47 2.91
C TYR A 102 -15.92 -6.32 4.43
N PRO A 103 -15.96 -5.09 4.93
CA PRO A 103 -15.50 -4.77 6.30
C PRO A 103 -16.35 -5.32 7.44
N LEU A 104 -15.66 -5.72 8.51
CA LEU A 104 -16.25 -6.08 9.79
C LEU A 104 -17.04 -4.93 10.38
N ILE A 105 -18.04 -5.23 11.21
CA ILE A 105 -18.86 -4.19 11.80
C ILE A 105 -18.97 -4.32 13.32
N THR A 106 -18.42 -5.39 13.90
CA THR A 106 -18.25 -5.46 15.35
C THR A 106 -16.99 -4.73 15.79
N GLN A 107 -16.72 -4.74 17.10
CA GLN A 107 -15.51 -4.13 17.67
C GLN A 107 -14.22 -4.77 17.17
N LYS A 108 -14.33 -5.95 16.58
CA LYS A 108 -13.17 -6.62 16.01
C LYS A 108 -12.53 -5.85 14.87
N ARG A 109 -13.28 -4.94 14.26
CA ARG A 109 -12.71 -4.03 13.29
C ARG A 109 -11.54 -3.24 13.87
N ALA A 110 -11.65 -2.86 15.13
CA ALA A 110 -10.58 -2.09 15.74
C ALA A 110 -9.37 -2.99 15.92
N ASP A 111 -9.63 -4.23 16.32
CA ASP A 111 -8.55 -5.18 16.46
C ASP A 111 -7.93 -5.40 15.09
N TYR A 112 -8.79 -5.45 14.09
CA TYR A 112 -8.34 -5.66 12.74
C TYR A 112 -7.43 -4.54 12.34
N LEU A 113 -7.79 -3.32 12.74
CA LEU A 113 -7.02 -2.19 12.30
C LEU A 113 -5.65 -2.20 12.96
N LEU A 114 -5.61 -2.60 14.22
CA LEU A 114 -4.32 -2.73 14.89
C LEU A 114 -3.53 -3.79 14.18
N PHE A 115 -4.17 -4.92 13.94
CA PHE A 115 -3.56 -6.01 13.23
C PHE A 115 -3.05 -5.55 11.88
N LYS A 116 -3.85 -4.74 11.22
CA LYS A 116 -3.47 -4.37 9.88
C LYS A 116 -2.21 -3.49 9.91
N LYS A 117 -2.13 -2.59 10.89
CA LYS A 117 -0.94 -1.76 10.99
C LYS A 117 0.28 -2.60 11.24
N ALA A 118 0.13 -3.59 12.12
CA ALA A 118 1.26 -4.44 12.44
C ALA A 118 1.70 -5.21 11.23
N PHE A 119 0.72 -5.71 10.48
CA PHE A 119 1.05 -6.47 9.30
C PHE A 119 1.90 -5.66 8.34
N TYR A 120 1.56 -4.39 8.20
CA TYR A 120 2.29 -3.56 7.27
C TYR A 120 3.72 -3.37 7.77
N LEU A 121 3.84 -3.09 9.06
CA LEU A 121 5.15 -2.96 9.70
C LEU A 121 5.94 -4.23 9.44
N ILE A 122 5.27 -5.37 9.57
CA ILE A 122 5.93 -6.65 9.37
C ILE A 122 6.23 -6.83 7.88
N LYS A 123 5.26 -6.51 7.01
CA LYS A 123 5.46 -6.65 5.57
C LYS A 123 6.68 -5.86 5.09
N ASN A 124 6.92 -4.71 5.70
CA ASN A 124 8.02 -3.83 5.32
C ASN A 124 9.30 -4.13 6.11
N LYS A 125 9.25 -5.18 6.93
CA LYS A 125 10.42 -5.65 7.68
C LYS A 125 10.92 -4.64 8.70
N GLU A 126 10.07 -3.67 9.03
CA GLU A 126 10.37 -2.67 10.05
C GLU A 126 10.36 -3.29 11.45
N HIS A 127 9.80 -4.49 11.56
CA HIS A 127 9.76 -5.21 12.83
C HIS A 127 11.13 -5.72 13.22
N LEU A 128 12.09 -5.63 12.30
CA LEU A 128 13.43 -6.15 12.53
C LEU A 128 14.28 -5.06 13.18
N THR A 129 13.62 -3.98 13.58
CA THR A 129 14.28 -2.87 14.26
C THR A 129 13.74 -2.81 15.69
N GLU A 130 14.51 -2.23 16.61
CA GLU A 130 14.00 -1.99 17.95
C GLU A 130 12.77 -1.07 17.93
N GLU A 131 12.82 -0.07 17.04
CA GLU A 131 11.75 0.91 16.93
C GLU A 131 10.44 0.30 16.43
N GLY A 132 10.54 -0.48 15.35
CA GLY A 132 9.38 -1.10 14.76
C GLY A 132 8.80 -2.13 15.71
N LEU A 133 9.69 -2.85 16.40
CA LEU A 133 9.25 -3.84 17.37
C LEU A 133 8.46 -3.18 18.48
N ASN A 134 9.01 -2.09 19.03
CA ASN A 134 8.33 -1.34 20.07
C ASN A 134 6.96 -0.83 19.62
N GLN A 135 6.88 -0.40 18.37
CA GLN A 135 5.63 0.14 17.86
C GLN A 135 4.62 -1.00 17.76
N ILE A 136 5.10 -2.16 17.33
CA ILE A 136 4.26 -3.35 17.22
C ILE A 136 3.69 -3.67 18.59
N LEU A 137 4.53 -3.60 19.62
CA LEU A 137 4.04 -3.82 20.98
C LEU A 137 2.98 -2.78 21.38
N THR A 138 3.14 -1.55 20.92
CA THR A 138 2.11 -0.56 21.21
C THR A 138 0.80 -1.00 20.56
N LEU A 139 0.88 -1.64 19.39
CA LEU A 139 -0.32 -2.14 18.72
C LEU A 139 -0.93 -3.34 19.46
N LYS A 140 -0.09 -4.30 19.82
CA LYS A 140 -0.49 -5.51 20.54
C LYS A 140 -1.11 -5.21 21.90
N ALA A 141 -0.63 -4.15 22.55
CA ALA A 141 -1.11 -3.79 23.87
C ALA A 141 -2.61 -3.50 23.85
N SER A 142 -3.10 -3.03 22.71
CA SER A 142 -4.51 -2.67 22.58
C SER A 142 -5.27 -3.76 21.82
N LEU A 143 -4.53 -4.79 21.38
CA LEU A 143 -5.11 -5.89 20.60
C LEU A 143 -5.54 -7.03 21.51
N ASN A 144 -6.81 -7.43 21.40
CA ASN A 144 -7.38 -8.49 22.22
C ASN A 144 -7.04 -8.33 23.69
N LEU A 145 -6.30 -9.31 24.23
CA LEU A 145 -6.04 -9.35 25.66
C LEU A 145 -4.83 -8.49 26.03
N GLY A 146 -4.21 -7.87 25.03
CA GLY A 146 -3.10 -6.97 25.29
C GLY A 146 -1.81 -7.70 25.62
N LEU A 147 -0.89 -7.00 26.27
CA LEU A 147 0.43 -7.54 26.53
C LEU A 147 0.37 -8.42 27.78
N SER A 148 1.01 -9.58 27.72
CA SER A 148 1.21 -10.41 28.90
C SER A 148 2.12 -9.77 29.93
N GLU A 149 2.06 -10.31 31.15
CA GLU A 149 2.95 -9.88 32.24
C GLU A 149 4.42 -10.01 31.85
N GLU A 150 4.75 -11.12 31.22
CA GLU A 150 6.11 -11.39 30.76
C GLU A 150 6.62 -10.32 29.79
N LEU A 151 5.78 -9.94 28.84
CA LEU A 151 6.13 -8.93 27.85
C LEU A 151 6.21 -7.55 28.48
N LYS A 152 5.31 -7.27 29.42
CA LYS A 152 5.36 -6.03 30.20
C LYS A 152 6.69 -5.93 30.94
N GLU A 153 7.10 -7.05 31.52
CA GLU A 153 8.36 -7.12 32.26
C GLU A 153 9.54 -6.89 31.32
N ALA A 154 9.45 -7.43 30.10
CA ALA A 154 10.53 -7.34 29.15
C ALA A 154 10.56 -5.98 28.43
N PHE A 155 9.40 -5.34 28.32
CA PHE A 155 9.28 -4.06 27.64
C PHE A 155 8.49 -3.00 28.41
N PRO A 156 9.01 -2.59 29.58
CA PRO A 156 8.25 -1.67 30.43
C PRO A 156 7.99 -0.31 29.78
N ASN A 157 7.19 0.52 30.45
CA ASN A 157 6.78 1.83 29.98
C ASN A 157 6.20 1.85 28.57
N THR A 158 5.68 0.71 28.13
CA THR A 158 5.08 0.58 26.80
C THR A 158 3.75 1.31 26.82
N ILE A 159 3.57 2.30 25.95
CA ILE A 159 2.26 2.94 25.85
C ILE A 159 1.43 2.43 24.68
N PRO A 160 0.26 1.84 25.01
CA PRO A 160 -0.66 1.18 24.08
C PRO A 160 -1.19 2.11 22.99
N ALA A 161 -1.21 1.65 21.75
CA ALA A 161 -1.71 2.46 20.64
C ALA A 161 -3.17 2.83 20.86
N GLU A 162 -3.59 3.92 20.27
CA GLU A 162 -4.98 4.37 20.41
C GLU A 162 -5.89 3.35 19.75
N ARG A 163 -7.00 3.01 20.41
CA ARG A 163 -7.92 2.03 19.84
C ARG A 163 -9.20 2.71 19.38
N LEU A 164 -9.57 2.46 18.13
CA LEU A 164 -10.81 2.99 17.57
C LEU A 164 -12.04 2.51 18.32
N LEU A 165 -12.84 3.42 18.81
CA LEU A 165 -14.17 3.06 19.29
C LEU A 165 -15.09 2.99 18.09
N VAL A 166 -15.61 1.81 17.79
CA VAL A 166 -16.41 1.62 16.58
C VAL A 166 -17.85 2.03 16.86
N THR A 167 -18.35 2.99 16.07
CA THR A 167 -19.67 3.54 16.34
C THR A 167 -20.36 3.99 15.05
N GLY A 168 -21.68 4.04 15.09
CA GLY A 168 -22.51 4.50 13.98
C GLY A 168 -22.40 3.62 12.75
N GLN A 169 -22.22 2.33 12.99
CA GLN A 169 -22.01 1.38 11.90
C GLN A 169 -23.35 0.79 11.46
N GLU A 170 -23.61 0.83 10.15
CA GLU A 170 -24.83 0.25 9.59
C GLU A 170 -24.70 -1.24 9.24
N ILE A 171 -25.79 -1.98 9.34
CA ILE A 171 -25.85 -3.35 8.83
C ILE A 171 -25.69 -3.34 7.32
N PRO A 172 -24.57 -3.90 6.83
CA PRO A 172 -24.26 -3.78 5.40
C PRO A 172 -25.11 -4.67 4.49
N ASP A 173 -25.64 -5.77 5.02
CA ASP A 173 -26.31 -6.77 4.21
C ASP A 173 -26.99 -7.85 5.05
N SER A 174 -28.11 -8.36 4.56
CA SER A 174 -28.85 -9.41 5.25
C SER A 174 -28.02 -10.67 5.47
N ASN A 175 -27.12 -10.97 4.54
CA ASN A 175 -26.28 -12.16 4.67
C ASN A 175 -25.24 -11.99 5.76
N TRP A 176 -24.89 -10.74 6.05
CA TRP A 176 -24.02 -10.45 7.18
C TRP A 176 -24.74 -10.92 8.43
N VAL A 177 -26.02 -10.59 8.50
CA VAL A 177 -26.88 -10.96 9.61
C VAL A 177 -26.97 -12.47 9.72
N ALA A 178 -27.09 -13.14 8.57
CA ALA A 178 -27.15 -14.59 8.58
C ALA A 178 -25.86 -15.20 9.15
N GLY A 179 -24.71 -14.68 8.75
CA GLY A 179 -23.46 -15.19 9.27
C GLY A 179 -23.26 -14.91 10.75
N PHE A 180 -23.57 -13.69 11.15
CA PHE A 180 -23.47 -13.27 12.55
C PHE A 180 -24.37 -14.11 13.43
N THR A 181 -25.57 -14.38 12.97
CA THR A 181 -26.52 -15.14 13.76
C THR A 181 -26.07 -16.59 13.79
N ALA A 182 -25.45 -17.02 12.70
CA ALA A 182 -24.91 -18.37 12.64
C ALA A 182 -23.80 -18.54 13.67
N GLY A 183 -23.13 -17.43 14.00
CA GLY A 183 -22.12 -17.49 15.05
C GLY A 183 -22.63 -17.31 16.48
N GLU A 184 -23.37 -16.23 16.71
CA GLU A 184 -23.73 -15.81 18.06
C GLU A 184 -25.18 -16.08 18.42
N GLY A 185 -25.97 -16.54 17.46
CA GLY A 185 -27.39 -16.63 17.70
C GLY A 185 -27.77 -17.90 18.42
N SER A 186 -28.97 -17.90 18.98
CA SER A 186 -29.52 -19.07 19.63
C SER A 186 -31.01 -19.18 19.38
N PHE A 187 -31.44 -20.37 18.98
CA PHE A 187 -32.84 -20.69 18.83
C PHE A 187 -33.22 -21.74 19.86
N TYR A 188 -33.92 -21.35 20.93
CA TYR A 188 -34.24 -22.37 21.92
C TYR A 188 -35.69 -22.30 22.39
N ILE A 189 -36.17 -23.41 22.92
CA ILE A 189 -37.51 -23.49 23.45
C ILE A 189 -37.45 -23.47 24.97
N ARG A 190 -38.11 -22.47 25.56
CA ARG A 190 -38.14 -22.31 26.99
C ARG A 190 -39.41 -22.93 27.56
N ILE A 191 -39.23 -23.83 28.51
CA ILE A 191 -40.36 -24.45 29.21
C ILE A 191 -40.28 -24.09 30.69
N ALA A 192 -41.33 -23.46 31.20
CA ALA A 192 -41.33 -23.03 32.60
C ALA A 192 -42.42 -23.73 33.39
N LYS A 193 -42.06 -24.34 34.52
CA LYS A 193 -43.07 -24.93 35.39
C LYS A 193 -43.94 -23.80 35.92
N ASN A 194 -45.24 -23.91 35.72
CA ASN A 194 -46.15 -22.84 36.06
C ASN A 194 -47.57 -23.38 36.24
N SER A 195 -48.02 -23.41 37.49
CA SER A 195 -49.28 -24.06 37.83
C SER A 195 -50.49 -23.32 37.24
N THR A 196 -50.33 -22.04 36.92
CA THR A 196 -51.45 -21.27 36.37
C THR A 196 -51.79 -21.63 34.93
N LEU A 197 -51.02 -22.54 34.34
CA LEU A 197 -51.34 -23.08 33.02
C LEU A 197 -51.89 -24.49 33.12
N LYS A 198 -52.82 -24.82 32.23
CA LYS A 198 -53.51 -26.10 32.26
C LYS A 198 -52.53 -27.26 32.19
N THR A 199 -51.53 -27.14 31.32
CA THR A 199 -50.54 -28.19 31.16
C THR A 199 -49.55 -28.20 32.31
N GLY A 200 -49.53 -27.12 33.09
CA GLY A 200 -48.57 -26.98 34.16
C GLY A 200 -47.27 -26.32 33.73
N TYR A 201 -47.18 -25.97 32.46
CA TYR A 201 -45.98 -25.35 31.92
C TYR A 201 -46.28 -24.26 30.88
N GLN A 202 -45.56 -23.14 30.96
CA GLN A 202 -45.54 -22.21 29.85
C GLN A 202 -44.52 -22.68 28.82
N VAL A 203 -44.87 -22.52 27.56
CA VAL A 203 -43.98 -22.82 26.45
C VAL A 203 -43.71 -21.57 25.62
N GLN A 204 -42.44 -21.27 25.40
CA GLN A 204 -42.06 -20.07 24.66
C GLN A 204 -41.01 -20.42 23.63
N SER A 205 -41.17 -19.88 22.42
CA SER A 205 -40.10 -19.99 21.43
C SER A 205 -39.24 -18.75 21.53
N VAL A 206 -37.93 -18.94 21.60
CA VAL A 206 -37.03 -17.82 21.83
C VAL A 206 -35.93 -17.72 20.78
N PHE A 207 -35.73 -16.52 20.26
CA PHE A 207 -34.56 -16.23 19.44
C PHE A 207 -33.70 -15.22 20.18
N GLN A 208 -32.39 -15.43 20.14
CA GLN A 208 -31.51 -14.62 20.99
C GLN A 208 -30.17 -14.36 20.33
N ILE A 209 -29.59 -13.18 20.58
CA ILE A 209 -28.20 -12.96 20.21
C ILE A 209 -27.50 -12.35 21.42
N THR A 210 -26.33 -12.89 21.73
CA THR A 210 -25.60 -12.48 22.93
C THR A 210 -24.28 -11.81 22.56
N GLN A 211 -23.94 -10.75 23.27
CA GLN A 211 -22.67 -10.09 23.01
C GLN A 211 -22.27 -9.25 24.21
N ASP A 212 -20.97 -9.13 24.47
CA ASP A 212 -20.46 -8.32 25.57
C ASP A 212 -20.85 -6.85 25.45
N THR A 213 -20.99 -6.18 26.60
CA THR A 213 -21.49 -4.81 26.64
C THR A 213 -20.50 -3.88 25.94
N ARG A 214 -20.63 -3.74 24.61
CA ARG A 214 -19.75 -2.83 23.86
C ARG A 214 -20.25 -2.46 22.48
N ASP A 215 -21.16 -3.27 21.98
CA ASP A 215 -21.73 -3.05 20.66
C ASP A 215 -23.22 -2.82 20.70
N ILE A 216 -23.70 -2.16 21.74
CA ILE A 216 -25.13 -1.91 21.93
C ILE A 216 -25.72 -1.02 20.82
N GLU A 217 -24.91 -0.11 20.29
CA GLU A 217 -25.38 0.76 19.21
C GLU A 217 -25.73 -0.16 18.06
N LEU A 218 -24.83 -1.13 17.82
CA LEU A 218 -25.04 -2.16 16.81
C LEU A 218 -26.28 -3.01 17.12
N MET A 219 -26.44 -3.40 18.39
CA MET A 219 -27.57 -4.25 18.81
C MET A 219 -28.95 -3.62 18.60
N LYS A 220 -29.03 -2.33 18.91
CA LYS A 220 -30.26 -1.60 18.67
C LYS A 220 -30.49 -1.54 17.17
N ASN A 221 -29.39 -1.44 16.40
CA ASN A 221 -29.53 -1.46 14.96
C ASN A 221 -30.04 -2.80 14.46
N LEU A 222 -29.67 -3.91 15.12
CA LEU A 222 -30.21 -5.21 14.70
C LEU A 222 -31.69 -5.29 15.02
N ILE A 223 -32.08 -4.66 16.12
CA ILE A 223 -33.48 -4.60 16.48
C ILE A 223 -34.26 -3.80 15.45
N SER A 224 -33.71 -2.66 15.04
CA SER A 224 -34.31 -1.84 14.00
C SER A 224 -34.37 -2.58 12.67
N TYR A 225 -33.31 -3.32 12.35
CA TYR A 225 -33.19 -3.97 11.06
C TYR A 225 -34.21 -5.11 10.96
N LEU A 226 -34.36 -5.86 12.05
CA LEU A 226 -35.29 -6.97 12.08
C LEU A 226 -36.68 -6.51 12.50
N ASN A 227 -36.74 -5.28 13.02
CA ASN A 227 -37.97 -4.58 13.47
C ASN A 227 -38.63 -5.25 14.68
N CYS A 228 -37.82 -5.92 15.50
CA CYS A 228 -38.33 -6.54 16.72
C CYS A 228 -37.23 -6.90 17.73
N GLY A 229 -37.67 -7.33 18.91
CA GLY A 229 -36.81 -7.80 19.98
C GLY A 229 -36.60 -6.76 21.07
N ASN A 230 -36.22 -7.23 22.26
CA ASN A 230 -35.83 -6.35 23.37
C ASN A 230 -34.40 -6.58 23.87
N ILE A 231 -33.82 -5.54 24.45
CA ILE A 231 -32.50 -5.65 25.10
C ILE A 231 -32.55 -6.03 26.58
N ARG A 232 -31.78 -7.05 26.95
CA ARG A 232 -31.67 -7.45 28.36
C ARG A 232 -30.20 -7.32 28.76
N ILE A 233 -29.92 -6.55 29.82
CA ILE A 233 -28.55 -6.41 30.30
C ILE A 233 -28.31 -7.23 31.55
N ARG A 234 -27.31 -8.10 31.50
CA ARG A 234 -26.86 -8.83 32.69
C ARG A 234 -25.42 -8.48 33.03
N THR A 245 -22.59 -7.23 32.29
CA THR A 245 -21.42 -7.70 31.57
C THR A 245 -21.76 -8.07 30.13
N CYS A 246 -22.78 -8.91 29.97
CA CYS A 246 -23.30 -9.20 28.62
C CYS A 246 -24.66 -8.56 28.34
N VAL A 247 -24.92 -8.33 27.05
CA VAL A 247 -26.21 -7.87 26.56
C VAL A 247 -26.84 -8.95 25.68
N ASP A 248 -28.14 -9.17 25.84
CA ASP A 248 -28.90 -10.03 24.94
C ASP A 248 -29.97 -9.29 24.12
N LEU A 249 -30.00 -9.55 22.81
CA LEU A 249 -31.15 -9.26 21.96
C LEU A 249 -32.11 -10.45 22.07
N VAL A 250 -33.32 -10.23 22.55
CA VAL A 250 -34.27 -11.32 22.72
C VAL A 250 -35.60 -11.11 22.00
N VAL A 251 -35.96 -12.06 21.13
CA VAL A 251 -37.26 -12.07 20.49
C VAL A 251 -38.10 -13.22 21.06
N THR A 252 -39.21 -12.85 21.71
CA THR A 252 -40.12 -13.80 22.34
C THR A 252 -41.52 -13.73 21.76
N ASN A 253 -41.87 -12.59 21.15
CA ASN A 253 -43.17 -12.41 20.53
C ASN A 253 -43.41 -13.47 19.46
N LEU A 254 -44.51 -14.20 19.59
CA LEU A 254 -44.76 -15.35 18.73
C LEU A 254 -44.95 -15.04 17.26
N ASN A 255 -45.73 -14.01 16.91
CA ASN A 255 -45.82 -13.68 15.50
C ASN A 255 -44.83 -12.61 15.02
N ASP A 256 -43.90 -12.20 15.88
CA ASP A 256 -42.68 -11.60 15.38
C ASP A 256 -41.78 -12.70 14.85
N ILE A 257 -41.77 -13.82 15.58
CA ILE A 257 -41.02 -14.99 15.18
C ILE A 257 -41.63 -15.52 13.89
N LYS A 258 -42.95 -15.61 13.89
CA LYS A 258 -43.72 -16.13 12.76
C LYS A 258 -43.63 -15.24 11.52
N GLU A 259 -43.76 -13.93 11.71
CA GLU A 259 -43.91 -13.03 10.56
C GLU A 259 -42.66 -12.21 10.22
N LYS A 260 -41.62 -12.29 11.05
CA LYS A 260 -40.41 -11.51 10.79
C LYS A 260 -39.14 -12.37 10.71
N ILE A 261 -38.81 -13.02 11.82
CA ILE A 261 -37.61 -13.85 11.96
C ILE A 261 -37.48 -15.06 11.03
N ILE A 262 -38.50 -15.91 11.00
CA ILE A 262 -38.49 -17.11 10.19
C ILE A 262 -38.42 -16.85 8.68
N PRO A 263 -39.22 -15.90 8.15
CA PRO A 263 -39.04 -15.63 6.72
C PRO A 263 -37.63 -15.13 6.41
N PHE A 264 -37.10 -14.33 7.32
CA PHE A 264 -35.76 -13.76 7.17
C PHE A 264 -34.74 -14.87 7.07
N PHE A 265 -34.76 -15.82 8.00
CA PHE A 265 -33.69 -16.81 8.00
C PHE A 265 -34.02 -17.92 7.01
N ASN A 266 -35.22 -17.88 6.45
CA ASN A 266 -35.60 -18.80 5.38
C ASN A 266 -34.98 -18.31 4.08
N LYS A 267 -34.90 -16.99 3.96
CA LYS A 267 -34.29 -16.35 2.79
C LYS A 267 -32.79 -16.14 3.00
N ASN A 268 -32.41 -15.82 4.22
CA ASN A 268 -31.02 -15.62 4.60
C ASN A 268 -30.57 -16.77 5.48
N HIS A 269 -29.92 -17.74 4.86
CA HIS A 269 -29.79 -19.07 5.47
C HIS A 269 -28.79 -19.11 6.62
N ILE A 270 -29.20 -19.77 7.70
CA ILE A 270 -28.29 -20.15 8.77
C ILE A 270 -27.36 -21.23 8.24
N ILE A 271 -26.09 -21.18 8.62
CA ILE A 271 -25.17 -22.24 8.22
C ILE A 271 -24.75 -23.07 9.42
N GLY A 272 -24.25 -24.27 9.15
CA GLY A 272 -23.72 -25.14 10.18
C GLY A 272 -24.83 -25.93 10.87
N VAL A 273 -24.48 -26.73 11.87
CA VAL A 273 -25.43 -27.54 12.61
C VAL A 273 -26.59 -26.70 13.17
N LYS A 274 -26.27 -25.43 13.46
CA LYS A 274 -27.27 -24.52 13.98
C LYS A 274 -28.42 -24.39 12.99
N LEU A 275 -28.17 -24.72 11.72
CA LEU A 275 -29.25 -24.70 10.75
C LEU A 275 -30.28 -25.77 11.11
N GLN A 276 -29.77 -26.93 11.56
CA GLN A 276 -30.62 -28.04 11.96
C GLN A 276 -31.38 -27.72 13.24
N ASP A 277 -30.69 -27.03 14.15
CA ASP A 277 -31.33 -26.61 15.39
C ASP A 277 -32.43 -25.61 15.04
N TYR A 278 -32.13 -24.74 14.10
CA TYR A 278 -33.08 -23.76 13.58
C TYR A 278 -34.31 -24.45 13.02
N ARG A 279 -34.10 -25.49 12.21
CA ARG A 279 -35.21 -26.24 11.61
C ARG A 279 -36.13 -26.86 12.66
N ASP A 280 -35.52 -27.52 13.65
CA ASP A 280 -36.31 -28.10 14.74
C ASP A 280 -37.08 -27.02 15.49
N TRP A 281 -36.40 -25.90 15.73
CA TRP A 281 -37.00 -24.76 16.40
C TRP A 281 -38.22 -24.24 15.63
N CYS A 282 -38.08 -24.17 14.31
CA CYS A 282 -39.18 -23.81 13.42
C CYS A 282 -40.36 -24.77 13.58
N LYS A 283 -40.04 -26.05 13.68
CA LYS A 283 -41.06 -27.08 13.78
C LYS A 283 -41.87 -26.90 15.07
N VAL A 284 -41.15 -26.62 16.15
CA VAL A 284 -41.81 -26.42 17.43
C VAL A 284 -42.64 -25.13 17.40
N VAL A 285 -42.14 -24.10 16.72
CA VAL A 285 -42.88 -22.86 16.57
C VAL A 285 -44.19 -23.12 15.84
N THR A 286 -44.13 -23.99 14.84
CA THR A 286 -45.32 -24.43 14.11
C THR A 286 -46.31 -25.10 15.04
N LEU A 287 -45.82 -26.03 15.85
CA LEU A 287 -46.68 -26.72 16.82
C LEU A 287 -47.34 -25.75 17.79
N ILE A 288 -46.59 -24.73 18.22
CA ILE A 288 -47.10 -23.73 19.15
C ILE A 288 -48.19 -22.87 18.50
N ASP A 289 -47.99 -22.49 17.26
CA ASP A 289 -48.94 -21.67 16.52
C ASP A 289 -50.26 -22.34 16.41
N ASN A 290 -50.21 -23.65 16.36
CA ASN A 290 -51.43 -24.44 16.26
C ASN A 290 -51.92 -24.92 17.63
N LYS A 291 -51.42 -24.28 18.68
CA LYS A 291 -51.90 -24.47 20.05
C LYS A 291 -51.70 -25.90 20.58
N GLU A 292 -50.84 -26.67 19.94
CA GLU A 292 -50.59 -28.05 20.36
C GLU A 292 -49.77 -28.10 21.64
N HIS A 293 -49.14 -26.97 21.97
CA HIS A 293 -48.37 -26.81 23.21
C HIS A 293 -49.30 -26.75 24.42
N LEU A 294 -50.59 -26.58 24.17
CA LEU A 294 -51.59 -26.47 25.22
C LEU A 294 -52.20 -27.81 25.60
N THR A 295 -51.65 -28.90 25.07
CA THR A 295 -52.07 -30.24 25.44
C THR A 295 -50.91 -31.01 26.06
N SER A 296 -51.22 -31.97 26.92
CA SER A 296 -50.21 -32.81 27.57
C SER A 296 -49.35 -33.57 26.56
N GLU A 297 -50.01 -34.21 25.60
CA GLU A 297 -49.31 -34.98 24.58
C GLU A 297 -48.36 -34.10 23.78
N GLY A 298 -48.87 -32.96 23.35
CA GLY A 298 -48.06 -32.01 22.59
C GLY A 298 -46.91 -31.47 23.42
N LEU A 299 -47.16 -31.21 24.69
CA LEU A 299 -46.11 -30.74 25.59
C LEU A 299 -44.99 -31.77 25.73
N GLU A 300 -45.38 -33.04 25.83
CA GLU A 300 -44.43 -34.14 25.85
C GLU A 300 -43.62 -34.17 24.55
N LYS A 301 -44.32 -34.00 23.44
CA LYS A 301 -43.69 -33.92 22.12
C LYS A 301 -42.60 -32.86 22.11
N ILE A 302 -42.97 -31.65 22.54
CA ILE A 302 -42.06 -30.52 22.52
C ILE A 302 -40.87 -30.77 23.43
N GLN A 303 -41.11 -31.25 24.65
CA GLN A 303 -40.01 -31.61 25.55
C GLN A 303 -39.05 -32.58 24.86
N LYS A 304 -39.60 -33.56 24.17
CA LYS A 304 -38.82 -34.56 23.45
C LYS A 304 -37.97 -33.94 22.35
N ILE A 305 -38.54 -33.00 21.60
CA ILE A 305 -37.81 -32.30 20.56
C ILE A 305 -36.69 -31.43 21.14
N LYS A 306 -37.03 -30.67 22.18
CA LYS A 306 -36.11 -29.81 22.90
C LYS A 306 -34.90 -30.59 23.40
N GLU A 307 -35.15 -31.80 23.89
CA GLU A 307 -34.08 -32.63 24.44
C GLU A 307 -33.09 -33.04 23.35
N GLY A 308 -33.52 -32.94 22.10
CA GLY A 308 -32.68 -33.28 20.96
C GLY A 308 -32.09 -32.07 20.26
N MET A 309 -32.24 -30.89 20.87
CA MET A 309 -31.74 -29.66 20.26
C MET A 309 -30.49 -29.14 20.98
N ASN A 310 -29.70 -28.34 20.25
CA ASN A 310 -28.57 -27.62 20.82
C ASN A 310 -27.58 -28.53 21.55
N ARG A 311 -27.35 -28.23 22.83
CA ARG A 311 -26.38 -28.99 23.62
C ARG A 311 -26.75 -30.46 23.77
N GLY A 312 -28.04 -30.78 23.67
CA GLY A 312 -28.45 -32.17 23.81
C GLY A 312 -28.31 -32.95 22.51
N ARG A 313 -27.95 -32.27 21.43
CA ARG A 313 -27.74 -32.94 20.16
C ARG A 313 -26.44 -33.72 20.24
N SER A 314 -26.45 -34.97 19.80
CA SER A 314 -25.27 -35.82 19.93
C SER A 314 -24.24 -35.52 18.86
N ASN E 16 72.80 -18.55 -3.22
CA ASN E 16 73.06 -19.34 -4.42
C ASN E 16 71.88 -20.24 -4.76
N ILE E 17 71.49 -20.23 -6.03
CA ILE E 17 70.35 -21.01 -6.49
C ILE E 17 70.63 -22.51 -6.41
N SER E 18 69.61 -23.29 -6.10
CA SER E 18 69.74 -24.73 -6.01
C SER E 18 69.67 -25.35 -7.41
N PRO E 19 70.40 -26.46 -7.62
CA PRO E 19 70.43 -27.14 -8.92
C PRO E 19 69.05 -27.66 -9.33
N TRP E 20 68.28 -28.09 -8.33
CA TRP E 20 66.93 -28.59 -8.57
C TRP E 20 65.97 -27.48 -8.98
N THR E 21 66.23 -26.26 -8.50
CA THR E 21 65.46 -25.10 -8.93
C THR E 21 65.70 -24.87 -10.42
N ILE E 22 66.96 -25.02 -10.82
CA ILE E 22 67.38 -24.87 -12.19
C ILE E 22 66.68 -25.91 -13.06
N THR E 23 66.70 -27.15 -12.60
CA THR E 23 66.10 -28.24 -13.35
C THR E 23 64.59 -28.04 -13.48
N GLY E 24 63.93 -27.62 -12.40
CA GLY E 24 62.50 -27.32 -12.45
C GLY E 24 62.12 -26.21 -13.40
N PHE E 25 62.91 -25.13 -13.37
CA PHE E 25 62.68 -23.99 -14.24
C PHE E 25 62.91 -24.33 -15.70
N ALA E 26 63.91 -25.17 -15.97
CA ALA E 26 64.18 -25.62 -17.33
C ALA E 26 63.05 -26.54 -17.77
N ASP E 27 62.60 -27.37 -16.83
CA ASP E 27 61.42 -28.20 -16.99
C ASP E 27 60.24 -27.39 -17.47
N ALA E 28 60.13 -26.16 -16.97
CA ALA E 28 59.04 -25.29 -17.40
C ALA E 28 59.28 -24.59 -18.75
N ASP E 29 60.39 -23.86 -18.88
CA ASP E 29 60.58 -22.91 -20.00
C ASP E 29 61.65 -23.25 -21.04
N SER E 30 62.40 -24.33 -20.86
CA SER E 30 63.57 -24.53 -21.72
C SER E 30 63.26 -25.35 -22.98
N SER E 31 64.20 -25.33 -23.92
CA SER E 31 64.12 -26.14 -25.13
C SER E 31 65.43 -26.82 -25.56
N PHE E 32 65.29 -28.09 -25.94
CA PHE E 32 66.36 -28.87 -26.56
C PHE E 32 66.10 -28.96 -28.06
N MET E 33 67.10 -28.60 -28.87
CA MET E 33 66.90 -28.45 -30.31
C MET E 33 68.00 -29.09 -31.15
N LEU E 34 67.61 -29.53 -32.34
CA LEU E 34 68.56 -30.01 -33.34
C LEU E 34 68.30 -29.29 -34.66
N THR E 35 69.30 -28.55 -35.14
CA THR E 35 69.20 -27.89 -36.44
C THR E 35 69.88 -28.68 -37.55
N VAL E 36 69.13 -28.95 -38.61
CA VAL E 36 69.65 -29.61 -39.80
C VAL E 36 69.43 -28.72 -41.03
N SER E 37 70.51 -28.08 -41.47
CA SER E 37 70.46 -27.09 -42.55
C SER E 37 71.26 -27.56 -43.76
N LYS E 38 70.72 -27.37 -44.96
CA LYS E 38 71.44 -27.72 -46.19
C LYS E 38 72.76 -26.98 -46.31
N ASP E 39 73.82 -27.73 -46.61
CA ASP E 39 75.18 -27.18 -46.69
C ASP E 39 76.04 -27.93 -47.72
N SER E 40 76.39 -27.23 -48.79
CA SER E 40 77.20 -27.78 -49.88
C SER E 40 78.59 -28.25 -49.44
N LYS E 41 79.11 -27.61 -48.40
CA LYS E 41 80.49 -27.84 -47.96
C LYS E 41 80.66 -29.16 -47.22
N ARG E 42 79.56 -29.79 -46.82
CA ARG E 42 79.62 -31.02 -46.05
C ARG E 42 79.52 -32.23 -46.98
N ASN E 43 80.12 -33.34 -46.57
CA ASN E 43 80.14 -34.54 -47.39
C ASN E 43 78.74 -35.14 -47.57
N THR E 44 77.92 -34.99 -46.54
CA THR E 44 76.54 -35.44 -46.58
C THR E 44 75.63 -34.41 -47.25
N GLY E 45 76.12 -33.19 -47.39
CA GLY E 45 75.33 -32.11 -47.93
C GLY E 45 74.52 -31.39 -46.87
N TRP E 46 74.70 -31.81 -45.61
CA TRP E 46 73.94 -31.22 -44.52
C TRP E 46 74.78 -30.88 -43.29
N SER E 47 74.36 -29.83 -42.61
CA SER E 47 74.94 -29.38 -41.35
C SER E 47 73.99 -29.70 -40.20
N VAL E 48 74.53 -30.33 -39.17
CA VAL E 48 73.76 -30.72 -38.00
C VAL E 48 74.37 -30.15 -36.72
N ARG E 49 73.54 -29.54 -35.89
CA ARG E 49 74.04 -28.95 -34.64
C ARG E 49 73.01 -29.02 -33.53
N PRO E 50 73.49 -29.27 -32.31
CA PRO E 50 72.63 -29.33 -31.13
C PRO E 50 72.57 -27.99 -30.39
N ARG E 51 71.44 -27.73 -29.75
CA ARG E 51 71.25 -26.52 -28.97
C ARG E 51 70.47 -26.81 -27.70
N PHE E 52 70.84 -26.13 -26.61
CA PHE E 52 70.00 -26.07 -25.43
C PHE E 52 69.77 -24.62 -25.07
N ARG E 53 68.53 -24.23 -24.78
CA ARG E 53 68.28 -22.80 -24.59
C ARG E 53 67.17 -22.54 -23.58
N ILE E 54 67.31 -21.44 -22.84
CA ILE E 54 66.23 -20.90 -22.02
C ILE E 54 65.95 -19.46 -22.38
N GLY E 55 64.68 -19.16 -22.64
CA GLY E 55 64.24 -17.83 -22.99
C GLY E 55 63.25 -17.31 -21.96
N LEU E 56 63.37 -16.03 -21.64
CA LEU E 56 62.49 -15.40 -20.65
C LEU E 56 62.23 -13.96 -21.06
N HIS E 57 61.29 -13.31 -20.39
CA HIS E 57 61.12 -11.87 -20.55
C HIS E 57 62.41 -11.17 -20.13
N ASN E 58 62.74 -10.08 -20.81
CA ASN E 58 63.91 -9.26 -20.50
C ASN E 58 64.04 -8.93 -19.01
N LYS E 59 62.91 -8.78 -18.34
CA LYS E 59 62.88 -8.38 -16.93
C LYS E 59 63.56 -9.43 -16.07
N ASP E 60 63.74 -10.62 -16.62
CA ASP E 60 64.27 -11.72 -15.83
C ASP E 60 65.67 -12.13 -16.29
N VAL E 61 66.41 -11.22 -16.93
CA VAL E 61 67.82 -11.52 -17.23
C VAL E 61 68.61 -12.01 -16.02
N THR E 62 68.29 -11.44 -14.87
CA THR E 62 68.98 -11.81 -13.63
C THR E 62 68.89 -13.29 -13.30
N ILE E 63 67.76 -13.92 -13.63
CA ILE E 63 67.62 -15.35 -13.40
C ILE E 63 68.67 -16.12 -14.20
N LEU E 64 68.83 -15.71 -15.45
CA LEU E 64 69.78 -16.36 -16.32
C LEU E 64 71.18 -16.22 -15.77
N LYS E 65 71.47 -15.05 -15.20
CA LYS E 65 72.78 -14.83 -14.64
C LYS E 65 73.05 -15.78 -13.49
N SER E 66 72.03 -16.04 -12.69
CA SER E 66 72.21 -16.95 -11.57
C SER E 66 72.55 -18.31 -12.10
N ILE E 67 71.86 -18.72 -13.16
CA ILE E 67 72.12 -20.01 -13.78
C ILE E 67 73.54 -20.00 -14.33
N ARG E 68 73.90 -18.92 -15.00
CA ARG E 68 75.24 -18.80 -15.55
C ARG E 68 76.25 -18.91 -14.42
N GLU E 69 75.95 -18.25 -13.31
CA GLU E 69 76.87 -18.24 -12.18
C GLU E 69 76.99 -19.64 -11.64
N TYR E 70 75.88 -20.36 -11.62
CA TYR E 70 75.93 -21.74 -11.17
C TYR E 70 76.82 -22.57 -12.07
N LEU E 71 76.61 -22.52 -13.39
CA LEU E 71 77.27 -23.49 -14.26
C LEU E 71 78.66 -23.11 -14.76
N GLY E 72 78.96 -21.82 -14.77
CA GLY E 72 80.23 -21.35 -15.31
C GLY E 72 80.23 -21.51 -16.82
N ALA E 73 79.05 -21.42 -17.42
CA ALA E 73 78.89 -21.64 -18.86
C ALA E 73 77.55 -21.08 -19.34
N GLY E 74 77.43 -20.87 -20.64
CA GLY E 74 76.21 -20.33 -21.19
C GLY E 74 76.41 -18.93 -21.74
N ILE E 75 75.73 -18.61 -22.84
CA ILE E 75 75.85 -17.29 -23.44
C ILE E 75 74.52 -16.53 -23.31
N ILE E 76 74.58 -15.37 -22.69
CA ILE E 76 73.40 -14.55 -22.45
C ILE E 76 73.22 -13.44 -23.48
N THR E 77 72.00 -13.30 -23.97
CA THR E 77 71.64 -12.24 -24.91
C THR E 77 70.35 -11.55 -24.46
N SER E 78 70.20 -10.28 -24.84
CA SER E 78 69.01 -9.51 -24.53
C SER E 78 68.61 -8.63 -25.70
N ASP E 79 67.44 -8.91 -26.27
CA ASP E 79 66.89 -8.09 -27.35
C ASP E 79 65.38 -7.99 -27.21
N ILE E 80 64.64 -8.74 -28.03
CA ILE E 80 63.19 -8.75 -27.89
C ILE E 80 62.83 -9.65 -26.72
N ASP E 81 63.75 -10.53 -26.37
CA ASP E 81 63.67 -11.31 -25.15
C ASP E 81 65.06 -11.56 -24.55
N ALA E 82 65.10 -12.24 -23.42
CA ALA E 82 66.37 -12.59 -22.80
C ALA E 82 66.62 -14.08 -22.94
N ARG E 83 67.83 -14.46 -23.34
CA ARG E 83 68.11 -15.86 -23.60
C ARG E 83 69.45 -16.27 -23.02
N ILE E 84 69.52 -17.49 -22.48
CA ILE E 84 70.80 -18.13 -22.25
C ILE E 84 70.89 -19.38 -23.14
N ARG E 85 72.02 -19.50 -23.85
CA ARG E 85 72.17 -20.59 -24.81
C ARG E 85 73.44 -21.41 -24.61
N PHE E 86 73.33 -22.68 -24.96
CA PHE E 86 74.42 -23.65 -24.91
C PHE E 86 74.47 -24.31 -26.28
N GLU E 87 75.56 -24.06 -27.02
CA GLU E 87 75.66 -24.50 -28.40
C GLU E 87 76.98 -25.20 -28.68
N SER E 88 78.02 -24.86 -27.93
CA SER E 88 79.32 -25.50 -28.09
C SER E 88 79.32 -26.87 -27.42
N LEU E 89 80.16 -27.77 -27.90
CA LEU E 89 80.20 -29.13 -27.35
C LEU E 89 80.55 -29.17 -25.86
N LYS E 90 81.49 -28.32 -25.44
CA LYS E 90 81.86 -28.24 -24.03
C LYS E 90 80.73 -27.79 -23.11
N GLU E 91 79.98 -26.78 -23.57
CA GLU E 91 78.87 -26.24 -22.80
C GLU E 91 77.73 -27.23 -22.73
N LEU E 92 77.45 -27.88 -23.86
CA LEU E 92 76.37 -28.84 -23.87
C LEU E 92 76.78 -30.02 -23.00
N GLU E 93 78.09 -30.29 -22.95
CA GLU E 93 78.62 -31.34 -22.09
C GLU E 93 78.31 -31.00 -20.63
N VAL E 94 78.48 -29.73 -20.29
CA VAL E 94 78.14 -29.23 -18.96
C VAL E 94 76.66 -29.41 -18.64
N VAL E 95 75.83 -29.11 -19.64
CA VAL E 95 74.38 -29.27 -19.52
C VAL E 95 73.98 -30.71 -19.28
N ILE E 96 74.53 -31.62 -20.09
CA ILE E 96 74.22 -33.04 -19.97
C ILE E 96 74.70 -33.54 -18.61
N ASN E 97 75.87 -33.11 -18.17
CA ASN E 97 76.36 -33.54 -16.86
C ASN E 97 75.40 -33.08 -15.75
N HIS E 98 74.89 -31.87 -15.90
CA HIS E 98 73.94 -31.33 -14.92
C HIS E 98 72.65 -32.14 -14.89
N PHE E 99 72.03 -32.36 -16.05
CA PHE E 99 70.73 -33.02 -16.05
C PHE E 99 70.88 -34.51 -15.76
N ASP E 100 72.08 -35.05 -16.00
CA ASP E 100 72.37 -36.41 -15.58
C ASP E 100 72.42 -36.45 -14.06
N LYS E 101 72.89 -35.37 -13.44
CA LYS E 101 73.00 -35.36 -11.99
C LYS E 101 71.68 -34.91 -11.35
N TYR E 102 71.03 -33.94 -12.00
CA TYR E 102 69.78 -33.37 -11.51
C TYR E 102 68.67 -33.44 -12.56
N PRO E 103 68.07 -34.63 -12.76
CA PRO E 103 67.22 -34.92 -13.92
C PRO E 103 65.88 -34.18 -13.97
N LEU E 104 65.50 -33.81 -15.19
CA LEU E 104 64.17 -33.28 -15.51
C LEU E 104 63.10 -34.29 -15.17
N ILE E 105 61.89 -33.80 -14.88
CA ILE E 105 60.81 -34.71 -14.53
C ILE E 105 59.54 -34.47 -15.35
N THR E 106 59.53 -33.44 -16.18
CA THR E 106 58.46 -33.30 -17.18
C THR E 106 58.77 -34.14 -18.43
N GLN E 107 57.87 -34.10 -19.41
CA GLN E 107 58.07 -34.81 -20.67
C GLN E 107 59.29 -34.35 -21.49
N LYS E 108 59.82 -33.17 -21.17
CA LYS E 108 61.02 -32.68 -21.82
C LYS E 108 62.25 -33.55 -21.59
N ARG E 109 62.20 -34.36 -20.53
CA ARG E 109 63.24 -35.36 -20.30
C ARG E 109 63.38 -36.28 -21.49
N ALA E 110 62.26 -36.61 -22.13
CA ALA E 110 62.32 -37.50 -23.28
C ALA E 110 62.98 -36.78 -24.43
N ASP E 111 62.67 -35.49 -24.56
CA ASP E 111 63.32 -34.70 -25.59
C ASP E 111 64.80 -34.66 -25.30
N TYR E 112 65.11 -34.54 -24.01
CA TYR E 112 66.49 -34.49 -23.57
C TYR E 112 67.21 -35.75 -23.98
N LEU E 113 66.52 -36.89 -23.84
CA LEU E 113 67.17 -38.14 -24.10
C LEU E 113 67.47 -38.27 -25.59
N LEU E 114 66.54 -37.81 -26.41
CA LEU E 114 66.78 -37.80 -27.84
C LEU E 114 67.97 -36.90 -28.12
N PHE E 115 67.92 -35.72 -27.53
CA PHE E 115 68.99 -34.76 -27.67
C PHE E 115 70.31 -35.37 -27.26
N LYS E 116 70.32 -36.12 -26.18
CA LYS E 116 71.59 -36.61 -25.70
C LYS E 116 72.17 -37.62 -26.67
N LYS E 117 71.32 -38.46 -27.24
CA LYS E 117 71.81 -39.42 -28.20
C LYS E 117 72.40 -38.72 -29.41
N ALA E 118 71.72 -37.66 -29.85
CA ALA E 118 72.21 -36.95 -31.00
C ALA E 118 73.53 -36.32 -30.68
N PHE E 119 73.62 -35.75 -29.48
CA PHE E 119 74.85 -35.09 -29.08
C PHE E 119 76.01 -36.05 -29.12
N TYR E 120 75.76 -37.28 -28.68
CA TYR E 120 76.83 -38.26 -28.65
C TYR E 120 77.26 -38.59 -30.06
N LEU E 121 76.27 -38.81 -30.93
CA LEU E 121 76.51 -39.06 -32.34
C LEU E 121 77.35 -37.92 -32.89
N ILE E 122 76.99 -36.69 -32.50
CA ILE E 122 77.70 -35.52 -32.99
C ILE E 122 79.09 -35.47 -32.36
N LYS E 123 79.17 -35.73 -31.05
CA LYS E 123 80.45 -35.72 -30.35
C LYS E 123 81.46 -36.67 -30.99
N ASN E 124 80.96 -37.81 -31.47
CA ASN E 124 81.82 -38.84 -32.07
C ASN E 124 81.97 -38.65 -33.58
N LYS E 125 81.42 -37.57 -34.09
CA LYS E 125 81.57 -37.19 -35.51
C LYS E 125 80.91 -38.19 -36.45
N GLU E 126 80.03 -39.03 -35.91
CA GLU E 126 79.27 -39.97 -36.70
C GLU E 126 78.22 -39.28 -37.56
N HIS E 127 77.94 -38.02 -37.24
CA HIS E 127 76.99 -37.21 -38.01
C HIS E 127 77.54 -36.85 -39.38
N LEU E 128 78.82 -37.09 -39.60
CA LEU E 128 79.47 -36.72 -40.84
C LEU E 128 79.34 -37.87 -41.86
N THR E 129 78.52 -38.85 -41.51
CA THR E 129 78.24 -39.98 -42.38
C THR E 129 76.77 -39.91 -42.78
N GLU E 130 76.42 -40.52 -43.91
CA GLU E 130 75.01 -40.64 -44.28
C GLU E 130 74.21 -41.40 -43.23
N GLU E 131 74.82 -42.45 -42.67
CA GLU E 131 74.16 -43.29 -41.69
C GLU E 131 73.86 -42.55 -40.40
N GLY E 132 74.88 -41.87 -39.88
CA GLY E 132 74.74 -41.14 -38.64
C GLY E 132 73.77 -39.98 -38.81
N LEU E 133 73.84 -39.34 -39.96
CA LEU E 133 72.94 -38.24 -40.27
C LEU E 133 71.50 -38.73 -40.27
N ASN E 134 71.25 -39.84 -40.96
CA ASN E 134 69.92 -40.43 -40.99
C ASN E 134 69.41 -40.79 -39.60
N GLN E 135 70.31 -41.28 -38.75
CA GLN E 135 69.89 -41.69 -37.42
C GLN E 135 69.52 -40.44 -36.63
N ILE E 136 70.30 -39.39 -36.82
CA ILE E 136 70.04 -38.12 -36.16
C ILE E 136 68.65 -37.64 -36.56
N LEU E 137 68.32 -37.74 -37.84
CA LEU E 137 66.97 -37.38 -38.28
C LEU E 137 65.91 -38.25 -37.61
N THR E 138 66.21 -39.52 -37.38
CA THR E 138 65.25 -40.35 -36.67
C THR E 138 65.04 -39.79 -35.26
N LEU E 139 66.10 -39.25 -34.66
CA LEU E 139 65.99 -38.64 -33.33
C LEU E 139 65.19 -37.33 -33.35
N LYS E 140 65.54 -36.46 -34.31
CA LYS E 140 64.89 -35.16 -34.49
C LYS E 140 63.40 -35.29 -34.80
N ALA E 141 63.04 -36.37 -35.51
CA ALA E 141 61.66 -36.58 -35.91
C ALA E 141 60.75 -36.67 -34.69
N SER E 142 61.31 -37.16 -33.58
CA SER E 142 60.55 -37.36 -32.35
C SER E 142 60.83 -36.23 -31.35
N LEU E 143 61.72 -35.32 -31.73
CA LEU E 143 62.12 -34.21 -30.86
C LEU E 143 61.27 -32.99 -31.12
N ASN E 144 60.64 -32.47 -30.06
CA ASN E 144 59.77 -31.30 -30.16
C ASN E 144 58.80 -31.42 -31.33
N LEU E 145 58.90 -30.52 -32.29
CA LEU E 145 57.93 -30.42 -33.37
C LEU E 145 58.25 -31.40 -34.50
N GLY E 146 59.35 -32.13 -34.36
CA GLY E 146 59.70 -33.15 -35.34
C GLY E 146 60.27 -32.56 -36.62
N LEU E 147 60.21 -33.32 -37.70
CA LEU E 147 60.84 -32.92 -38.95
C LEU E 147 59.90 -31.99 -39.70
N SER E 148 60.46 -30.92 -40.25
CA SER E 148 59.72 -30.05 -41.16
C SER E 148 59.37 -30.72 -42.47
N GLU E 149 58.43 -30.11 -43.20
CA GLU E 149 58.04 -30.56 -44.53
C GLU E 149 59.23 -30.64 -45.47
N GLU E 150 60.07 -29.61 -45.43
CA GLU E 150 61.26 -29.54 -46.25
C GLU E 150 62.21 -30.72 -46.00
N LEU E 151 62.42 -31.05 -44.73
CA LEU E 151 63.28 -32.16 -44.35
C LEU E 151 62.66 -33.50 -44.70
N LYS E 152 61.34 -33.60 -44.54
CA LYS E 152 60.62 -34.79 -44.96
C LYS E 152 60.79 -35.01 -46.46
N GLU E 153 60.71 -33.92 -47.21
CA GLU E 153 60.88 -33.96 -48.66
C GLU E 153 62.29 -34.38 -49.03
N ALA E 154 63.27 -33.90 -48.26
CA ALA E 154 64.67 -34.19 -48.56
C ALA E 154 65.09 -35.58 -48.07
N PHE E 155 64.42 -36.06 -47.03
CA PHE E 155 64.74 -37.37 -46.44
C PHE E 155 63.53 -38.28 -46.21
N PRO E 156 62.85 -38.67 -47.29
CA PRO E 156 61.60 -39.44 -47.15
C PRO E 156 61.79 -40.80 -46.47
N ASN E 157 60.69 -41.47 -46.18
CA ASN E 157 60.66 -42.76 -45.49
C ASN E 157 61.44 -42.79 -44.16
N THR E 158 61.62 -41.63 -43.55
CA THR E 158 62.32 -41.50 -42.29
C THR E 158 61.44 -42.06 -41.18
N ILE E 159 61.91 -43.07 -40.46
CA ILE E 159 61.14 -43.54 -39.32
C ILE E 159 61.64 -43.01 -37.99
N PRO E 160 60.76 -42.27 -37.29
CA PRO E 160 61.04 -41.55 -36.04
C PRO E 160 61.48 -42.48 -34.90
N ALA E 161 62.53 -42.09 -34.18
CA ALA E 161 63.03 -42.89 -33.07
C ALA E 161 61.94 -43.08 -32.02
N GLU E 162 62.04 -44.15 -31.25
CA GLU E 162 61.07 -44.41 -30.20
C GLU E 162 61.17 -43.33 -29.14
N ARG E 163 60.03 -42.82 -28.67
CA ARG E 163 60.06 -41.77 -27.66
C ARG E 163 59.59 -42.31 -26.32
N LEU E 164 60.40 -42.10 -25.29
CA LEU E 164 60.05 -42.50 -23.93
C LEU E 164 58.80 -41.81 -23.44
N LEU E 165 57.80 -42.59 -23.02
CA LEU E 165 56.69 -42.02 -22.29
C LEU E 165 57.12 -41.92 -20.83
N VAL E 166 57.20 -40.70 -20.31
CA VAL E 166 57.73 -40.49 -18.96
C VAL E 166 56.60 -40.69 -17.95
N THR E 167 56.80 -41.62 -17.03
CA THR E 167 55.74 -41.99 -16.10
C THR E 167 56.30 -42.42 -14.75
N GLY E 168 55.48 -42.31 -13.71
CA GLY E 168 55.83 -42.73 -12.37
C GLY E 168 56.97 -41.95 -11.77
N GLN E 169 57.05 -40.67 -12.14
CA GLN E 169 58.16 -39.83 -11.72
C GLN E 169 57.80 -39.11 -10.43
N GLU E 170 58.69 -39.19 -9.43
CA GLU E 170 58.49 -38.50 -8.15
C GLU E 170 59.04 -37.07 -8.15
N ILE E 171 58.39 -36.20 -7.38
CA ILE E 171 58.94 -34.87 -7.12
C ILE E 171 60.25 -34.99 -6.34
N PRO E 172 61.36 -34.61 -6.98
CA PRO E 172 62.68 -34.85 -6.37
C PRO E 172 63.04 -33.93 -5.21
N ASP E 173 62.43 -32.75 -5.17
CA ASP E 173 62.83 -31.72 -4.21
C ASP E 173 61.90 -30.51 -4.23
N SER E 174 61.71 -29.91 -3.07
CA SER E 174 60.84 -28.74 -2.94
C SER E 174 61.31 -27.58 -3.84
N ASN E 175 62.63 -27.46 -4.02
CA ASN E 175 63.15 -26.39 -4.85
C ASN E 175 62.88 -26.63 -6.33
N TRP E 176 62.69 -27.89 -6.70
CA TRP E 176 62.25 -28.23 -8.05
C TRP E 176 60.90 -27.59 -8.25
N VAL E 177 60.05 -27.75 -7.24
CA VAL E 177 58.70 -27.19 -7.24
C VAL E 177 58.76 -25.68 -7.32
N ALA E 178 59.68 -25.08 -6.60
CA ALA E 178 59.84 -23.63 -6.64
C ALA E 178 60.21 -23.16 -8.04
N GLY E 179 61.13 -23.85 -8.70
CA GLY E 179 61.52 -23.46 -10.05
C GLY E 179 60.39 -23.66 -11.05
N PHE E 180 59.73 -24.81 -10.97
CA PHE E 180 58.63 -25.13 -11.84
C PHE E 180 57.50 -24.12 -11.71
N THR E 181 57.19 -23.73 -10.48
CA THR E 181 56.09 -22.81 -10.25
C THR E 181 56.52 -21.43 -10.72
N ALA E 182 57.81 -21.15 -10.59
CA ALA E 182 58.35 -19.89 -11.06
C ALA E 182 58.22 -19.81 -12.58
N GLY E 183 58.21 -20.95 -13.25
CA GLY E 183 57.99 -20.96 -14.69
C GLY E 183 56.54 -20.96 -15.13
N GLU E 184 55.78 -21.93 -14.63
CA GLU E 184 54.43 -22.22 -15.13
C GLU E 184 53.32 -21.75 -14.21
N GLY E 185 53.68 -21.25 -13.03
CA GLY E 185 52.66 -20.98 -12.04
C GLY E 185 52.01 -19.63 -12.25
N SER E 186 50.86 -19.45 -11.62
CA SER E 186 50.16 -18.18 -11.64
C SER E 186 49.48 -17.91 -10.31
N PHE E 187 49.70 -16.71 -9.79
CA PHE E 187 49.02 -16.22 -8.60
C PHE E 187 48.11 -15.07 -8.99
N TYR E 188 46.81 -15.29 -9.05
CA TYR E 188 45.95 -14.19 -9.46
C TYR E 188 44.71 -14.06 -8.59
N ILE E 189 44.13 -12.87 -8.60
CA ILE E 189 42.92 -12.59 -7.85
C ILE E 189 41.73 -12.53 -8.79
N ARG E 190 40.77 -13.40 -8.55
CA ARG E 190 39.57 -13.49 -9.37
C ARG E 190 38.46 -12.67 -8.72
N ILE E 191 37.91 -11.74 -9.49
CA ILE E 191 36.78 -10.94 -9.05
C ILE E 191 35.58 -11.22 -9.97
N ALA E 192 34.49 -11.69 -9.39
CA ALA E 192 33.32 -12.03 -10.19
C ALA E 192 32.13 -11.15 -9.83
N LYS E 193 31.52 -10.53 -10.84
CA LYS E 193 30.31 -9.77 -10.59
C LYS E 193 29.23 -10.74 -10.14
N ASN E 194 28.63 -10.45 -8.99
CA ASN E 194 27.69 -11.39 -8.38
C ASN E 194 26.78 -10.65 -7.41
N SER E 195 25.52 -10.50 -7.80
CA SER E 195 24.57 -9.69 -7.04
C SER E 195 24.24 -10.29 -5.69
N THR E 196 24.44 -11.59 -5.52
CA THR E 196 24.12 -12.24 -4.25
C THR E 196 25.10 -11.92 -3.14
N LEU E 197 26.14 -11.15 -3.46
CA LEU E 197 27.07 -10.66 -2.46
C LEU E 197 26.83 -9.18 -2.16
N LYS E 198 27.04 -8.79 -0.91
CA LYS E 198 26.75 -7.43 -0.46
C LYS E 198 27.54 -6.41 -1.28
N THR E 199 28.81 -6.71 -1.54
CA THR E 199 29.66 -5.80 -2.30
C THR E 199 29.32 -5.85 -3.79
N GLY E 200 28.58 -6.88 -4.19
CA GLY E 200 28.27 -7.07 -5.60
C GLY E 200 29.30 -7.91 -6.33
N TYR E 201 30.33 -8.35 -5.62
CA TYR E 201 31.39 -9.16 -6.22
C TYR E 201 31.91 -10.24 -5.28
N GLN E 202 32.12 -11.44 -5.83
CA GLN E 202 32.90 -12.44 -5.11
C GLN E 202 34.38 -12.17 -5.36
N VAL E 203 35.18 -12.36 -4.31
CA VAL E 203 36.63 -12.24 -4.39
C VAL E 203 37.29 -13.57 -4.03
N GLN E 204 38.18 -14.04 -4.89
CA GLN E 204 38.84 -15.32 -4.67
C GLN E 204 40.33 -15.18 -4.94
N SER E 205 41.15 -15.75 -4.07
CA SER E 205 42.58 -15.84 -4.35
C SER E 205 42.84 -17.17 -5.01
N VAL E 206 43.58 -17.15 -6.12
CA VAL E 206 43.79 -18.35 -6.91
C VAL E 206 45.25 -18.64 -7.16
N PHE E 207 45.63 -19.89 -6.92
CA PHE E 207 46.94 -20.38 -7.34
C PHE E 207 46.76 -21.44 -8.41
N GLN E 208 47.60 -21.41 -9.44
CA GLN E 208 47.35 -22.25 -10.60
C GLN E 208 48.64 -22.73 -11.26
N ILE E 209 48.64 -23.95 -11.79
CA ILE E 209 49.73 -24.37 -12.66
C ILE E 209 49.11 -24.99 -13.90
N THR E 210 49.62 -24.60 -15.07
CA THR E 210 49.04 -25.04 -16.33
C THR E 210 50.02 -25.90 -17.12
N GLN E 211 49.53 -26.96 -17.74
CA GLN E 211 50.40 -27.79 -18.57
C GLN E 211 49.54 -28.60 -19.53
N ASP E 212 50.06 -28.87 -20.73
CA ASP E 212 49.35 -29.68 -21.72
C ASP E 212 49.04 -31.10 -21.25
N THR E 213 47.95 -31.67 -21.77
CA THR E 213 47.45 -32.96 -21.32
C THR E 213 48.45 -34.07 -21.66
N ARG E 214 49.44 -34.27 -20.80
CA ARG E 214 50.41 -35.34 -21.00
C ARG E 214 51.13 -35.70 -19.71
N ASP E 215 51.10 -34.79 -18.74
CA ASP E 215 51.75 -34.99 -17.44
C ASP E 215 50.73 -34.94 -16.31
N ILE E 216 49.52 -35.44 -16.56
CA ILE E 216 48.47 -35.40 -15.56
C ILE E 216 48.86 -36.23 -14.34
N GLU E 217 49.62 -37.31 -14.57
CA GLU E 217 50.06 -38.15 -13.47
C GLU E 217 50.94 -37.31 -12.56
N LEU E 218 51.82 -36.55 -13.19
CA LEU E 218 52.70 -35.63 -12.52
C LEU E 218 51.90 -34.57 -11.76
N MET E 219 50.85 -34.04 -12.40
CA MET E 219 50.02 -33.00 -11.79
C MET E 219 49.36 -33.52 -10.52
N LYS E 220 48.88 -34.76 -10.57
CA LYS E 220 48.30 -35.38 -9.40
C LYS E 220 49.39 -35.56 -8.36
N ASN E 221 50.62 -35.83 -8.79
CA ASN E 221 51.71 -35.92 -7.82
C ASN E 221 51.98 -34.57 -7.16
N LEU E 222 51.81 -33.46 -7.88
CA LEU E 222 51.99 -32.14 -7.27
C LEU E 222 50.87 -31.86 -6.28
N ILE E 223 49.68 -32.37 -6.58
CA ILE E 223 48.55 -32.24 -5.67
C ILE E 223 48.82 -33.00 -4.39
N SER E 224 49.40 -34.18 -4.50
CA SER E 224 49.66 -34.91 -3.28
C SER E 224 50.81 -34.30 -2.56
N TYR E 225 51.77 -33.79 -3.28
CA TYR E 225 52.96 -33.23 -2.63
C TYR E 225 52.60 -31.99 -1.83
N LEU E 226 51.72 -31.16 -2.41
CA LEU E 226 51.29 -29.94 -1.74
C LEU E 226 50.08 -30.19 -0.86
N ASN E 227 49.47 -31.37 -1.03
CA ASN E 227 48.31 -31.88 -0.29
C ASN E 227 47.04 -31.06 -0.52
N CYS E 228 46.94 -30.44 -1.70
CA CYS E 228 45.74 -29.69 -2.08
C CYS E 228 45.63 -29.41 -3.58
N GLY E 229 44.48 -28.85 -3.97
CA GLY E 229 44.19 -28.44 -5.33
C GLY E 229 43.31 -29.42 -6.07
N ASN E 230 42.63 -28.93 -7.12
CA ASN E 230 41.87 -29.79 -8.02
C ASN E 230 42.34 -29.71 -9.48
N ILE E 231 42.09 -30.77 -10.23
CA ILE E 231 42.37 -30.79 -11.66
C ILE E 231 41.21 -30.30 -12.54
N ARG E 232 41.50 -29.37 -13.44
CA ARG E 232 40.50 -28.89 -14.39
C ARG E 232 41.02 -29.19 -15.80
N ILE E 233 40.23 -29.90 -16.60
CA ILE E 233 40.62 -30.20 -17.97
C ILE E 233 39.88 -29.33 -18.98
N ARG E 234 40.63 -28.61 -19.80
CA ARG E 234 40.04 -27.87 -20.91
C ARG E 234 40.55 -28.39 -22.26
N THR E 245 42.66 -30.04 -23.98
CA THR E 245 43.98 -29.76 -24.52
C THR E 245 44.99 -29.44 -23.42
N CYS E 246 44.63 -28.51 -22.53
CA CYS E 246 45.42 -28.24 -21.35
C CYS E 246 44.78 -28.71 -20.04
N VAL E 247 45.62 -28.98 -19.05
CA VAL E 247 45.19 -29.30 -17.69
C VAL E 247 45.68 -28.20 -16.74
N ASP E 248 44.81 -27.80 -15.81
CA ASP E 248 45.19 -26.92 -14.72
C ASP E 248 45.12 -27.56 -13.34
N LEU E 249 46.18 -27.39 -12.55
CA LEU E 249 46.14 -27.59 -11.11
C LEU E 249 45.65 -26.28 -10.49
N VAL E 250 44.51 -26.32 -9.79
CA VAL E 250 43.95 -25.10 -9.22
C VAL E 250 43.70 -25.18 -7.71
N VAL E 251 44.30 -24.26 -6.97
CA VAL E 251 44.03 -24.10 -5.55
C VAL E 251 43.23 -22.83 -5.29
N THR E 252 42.02 -23.01 -4.78
CA THR E 252 41.09 -21.92 -4.49
C THR E 252 40.71 -21.85 -3.01
N ASN E 253 40.85 -22.96 -2.30
CA ASN E 253 40.54 -23.03 -0.87
C ASN E 253 41.40 -22.02 -0.11
N LEU E 254 40.74 -21.15 0.64
CA LEU E 254 41.41 -20.04 1.29
C LEU E 254 42.45 -20.42 2.35
N ASN E 255 42.14 -21.37 3.24
CA ASN E 255 43.18 -21.78 4.16
C ASN E 255 44.02 -22.98 3.74
N ASP E 256 43.83 -23.45 2.50
CA ASP E 256 44.88 -24.22 1.86
C ASP E 256 45.96 -23.26 1.40
N ILE E 257 45.51 -22.12 0.89
CA ILE E 257 46.42 -21.06 0.47
C ILE E 257 47.15 -20.54 1.70
N LYS E 258 46.37 -20.30 2.75
CA LYS E 258 46.89 -19.76 4.01
C LYS E 258 47.83 -20.73 4.74
N GLU E 259 47.44 -22.00 4.81
CA GLU E 259 48.17 -22.94 5.66
C GLU E 259 49.07 -23.92 4.92
N LYS E 260 49.03 -23.93 3.59
CA LYS E 260 49.86 -24.86 2.84
C LYS E 260 50.77 -24.19 1.81
N ILE E 261 50.16 -23.51 0.84
CA ILE E 261 50.87 -22.85 -0.26
C ILE E 261 51.83 -21.71 0.12
N ILE E 262 51.34 -20.75 0.89
CA ILE E 262 52.14 -19.60 1.28
C ILE E 262 53.35 -19.96 2.15
N PRO E 263 53.18 -20.83 3.16
CA PRO E 263 54.39 -21.21 3.90
C PRO E 263 55.41 -21.90 3.00
N PHE E 264 54.90 -22.71 2.08
CA PHE E 264 55.75 -23.44 1.14
C PHE E 264 56.58 -22.48 0.31
N PHE E 265 55.94 -21.47 -0.29
CA PHE E 265 56.69 -20.63 -1.20
C PHE E 265 57.42 -19.55 -0.42
N ASN E 266 57.15 -19.47 0.88
CA ASN E 266 57.88 -18.58 1.77
C ASN E 266 59.22 -19.22 2.09
N LYS E 267 59.20 -20.55 2.19
CA LYS E 267 60.41 -21.32 2.45
C LYS E 267 61.11 -21.71 1.14
N ASN E 268 60.32 -21.99 0.12
CA ASN E 268 60.83 -22.35 -1.20
C ASN E 268 60.53 -21.21 -2.16
N HIS E 269 61.52 -20.35 -2.37
CA HIS E 269 61.29 -19.03 -2.92
C HIS E 269 60.97 -19.05 -4.40
N ILE E 270 59.95 -18.29 -4.78
CA ILE E 270 59.69 -17.99 -6.17
C ILE E 270 60.79 -17.07 -6.67
N ILE E 271 61.25 -17.28 -7.90
CA ILE E 271 62.25 -16.39 -8.47
C ILE E 271 61.67 -15.56 -9.61
N GLY E 272 62.36 -14.47 -9.93
CA GLY E 272 62.00 -13.61 -11.04
C GLY E 272 60.93 -12.62 -10.64
N VAL E 273 60.49 -11.81 -11.60
CA VAL E 273 59.47 -10.80 -11.34
C VAL E 273 58.17 -11.34 -10.73
N LYS E 274 57.82 -12.59 -11.05
CA LYS E 274 56.61 -13.20 -10.52
C LYS E 274 56.57 -13.28 -9.00
N LEU E 275 57.73 -13.20 -8.36
CA LEU E 275 57.81 -13.20 -6.91
C LEU E 275 57.11 -11.98 -6.35
N GLN E 276 57.27 -10.85 -7.04
CA GLN E 276 56.65 -9.63 -6.59
C GLN E 276 55.13 -9.77 -6.72
N ASP E 277 54.68 -10.45 -7.79
CA ASP E 277 53.26 -10.67 -7.94
C ASP E 277 52.80 -11.55 -6.80
N TYR E 278 53.62 -12.55 -6.50
CA TYR E 278 53.35 -13.43 -5.38
C TYR E 278 53.19 -12.61 -4.12
N ARG E 279 54.12 -11.68 -3.91
CA ARG E 279 54.06 -10.87 -2.71
C ARG E 279 52.75 -10.08 -2.68
N ASP E 280 52.41 -9.45 -3.80
CA ASP E 280 51.15 -8.72 -3.87
C ASP E 280 49.99 -9.66 -3.65
N TRP E 281 50.08 -10.83 -4.26
CA TRP E 281 49.05 -11.84 -4.09
C TRP E 281 48.88 -12.21 -2.62
N CYS E 282 50.02 -12.38 -1.94
CA CYS E 282 49.98 -12.66 -0.52
C CYS E 282 49.27 -11.57 0.25
N LYS E 283 49.56 -10.33 -0.12
CA LYS E 283 48.98 -9.20 0.58
C LYS E 283 47.47 -9.21 0.44
N VAL E 284 46.99 -9.50 -0.76
CA VAL E 284 45.55 -9.52 -0.96
C VAL E 284 44.93 -10.67 -0.18
N VAL E 285 45.65 -11.79 -0.12
CA VAL E 285 45.16 -12.92 0.65
C VAL E 285 44.98 -12.52 2.11
N THR E 286 45.92 -11.73 2.62
CA THR E 286 45.80 -11.22 3.98
C THR E 286 44.54 -10.41 4.14
N LEU E 287 44.32 -9.49 3.21
CA LEU E 287 43.11 -8.67 3.23
C LEU E 287 41.88 -9.54 3.19
N ILE E 288 41.93 -10.62 2.41
CA ILE E 288 40.80 -11.51 2.33
C ILE E 288 40.59 -12.23 3.66
N ASP E 289 41.67 -12.65 4.27
CA ASP E 289 41.59 -13.36 5.52
C ASP E 289 40.93 -12.56 6.59
N ASN E 290 41.15 -11.26 6.53
CA ASN E 290 40.56 -10.35 7.51
C ASN E 290 39.24 -9.75 7.06
N LYS E 291 38.62 -10.38 6.06
CA LYS E 291 37.26 -10.06 5.63
C LYS E 291 37.12 -8.64 5.06
N GLU E 292 38.24 -8.01 4.72
CA GLU E 292 38.22 -6.65 4.19
C GLU E 292 37.68 -6.61 2.78
N HIS E 293 37.65 -7.78 2.14
CA HIS E 293 37.09 -7.95 0.80
C HIS E 293 35.57 -7.82 0.81
N LEU E 294 34.99 -7.87 2.01
CA LEU E 294 33.54 -7.78 2.19
C LEU E 294 33.04 -6.34 2.37
N THR E 295 33.93 -5.37 2.17
CA THR E 295 33.55 -3.97 2.22
C THR E 295 33.84 -3.32 0.87
N SER E 296 33.09 -2.27 0.55
CA SER E 296 33.28 -1.53 -0.70
C SER E 296 34.68 -0.95 -0.84
N GLU E 297 35.15 -0.29 0.22
CA GLU E 297 36.47 0.33 0.22
C GLU E 297 37.57 -0.71 0.00
N GLY E 298 37.47 -1.82 0.74
CA GLY E 298 38.42 -2.90 0.61
C GLY E 298 38.38 -3.52 -0.78
N LEU E 299 37.18 -3.66 -1.33
CA LEU E 299 37.04 -4.19 -2.68
C LEU E 299 37.71 -3.30 -3.71
N GLU E 300 37.56 -1.98 -3.54
CA GLU E 300 38.26 -1.01 -4.38
C GLU E 300 39.76 -1.17 -4.24
N LYS E 301 40.23 -1.33 -3.01
CA LYS E 301 41.64 -1.58 -2.71
C LYS E 301 42.15 -2.77 -3.51
N ILE E 302 41.44 -3.88 -3.41
CA ILE E 302 41.85 -5.12 -4.06
C ILE E 302 41.85 -4.97 -5.57
N GLN E 303 40.80 -4.39 -6.13
CA GLN E 303 40.77 -4.10 -7.57
C GLN E 303 42.01 -3.30 -7.99
N LYS E 304 42.36 -2.31 -7.18
CA LYS E 304 43.52 -1.46 -7.43
C LYS E 304 44.82 -2.26 -7.43
N ILE E 305 44.96 -3.17 -6.47
CA ILE E 305 46.13 -4.03 -6.39
C ILE E 305 46.21 -4.98 -7.59
N LYS E 306 45.08 -5.61 -7.89
CA LYS E 306 44.95 -6.53 -9.01
C LYS E 306 45.37 -5.87 -10.31
N GLU E 307 44.99 -4.60 -10.48
CA GLU E 307 45.29 -3.88 -11.71
C GLU E 307 46.80 -3.68 -11.86
N GLY E 308 47.53 -3.80 -10.76
CA GLY E 308 48.97 -3.65 -10.76
C GLY E 308 49.73 -4.97 -10.74
N MET E 309 49.00 -6.08 -10.90
CA MET E 309 49.61 -7.40 -10.88
C MET E 309 49.73 -8.02 -12.26
N ASN E 310 50.66 -8.95 -12.41
CA ASN E 310 50.79 -9.78 -13.61
C ASN E 310 50.90 -8.95 -14.89
N ARG E 311 49.98 -9.20 -15.82
CA ARG E 311 50.00 -8.53 -17.11
C ARG E 311 49.85 -7.01 -17.00
N GLY E 312 49.21 -6.54 -15.94
CA GLY E 312 49.03 -5.10 -15.78
C GLY E 312 50.25 -4.43 -15.17
N ARG E 313 51.24 -5.21 -14.77
CA ARG E 313 52.46 -4.65 -14.21
C ARG E 313 53.26 -4.04 -15.34
N SER E 314 53.76 -2.82 -15.16
CA SER E 314 54.45 -2.11 -16.23
C SER E 314 55.89 -2.61 -16.39
N ASN I 16 11.86 38.16 -20.95
CA ASN I 16 10.95 37.03 -20.78
C ASN I 16 11.39 35.81 -21.58
N ILE I 17 11.39 34.65 -20.93
CA ILE I 17 11.83 33.41 -21.56
C ILE I 17 10.88 33.00 -22.68
N SER I 18 11.43 32.40 -23.74
CA SER I 18 10.62 31.95 -24.86
C SER I 18 9.99 30.60 -24.54
N PRO I 19 8.79 30.34 -25.07
CA PRO I 19 8.07 29.08 -24.84
C PRO I 19 8.85 27.88 -25.37
N TRP I 20 9.55 28.09 -26.49
CA TRP I 20 10.34 27.03 -27.09
C TRP I 20 11.58 26.70 -26.26
N THR I 21 12.09 27.69 -25.54
CA THR I 21 13.19 27.45 -24.60
C THR I 21 12.70 26.52 -23.48
N ILE I 22 11.48 26.79 -23.02
CA ILE I 22 10.84 26.01 -21.98
C ILE I 22 10.67 24.57 -22.45
N THR I 23 10.14 24.42 -23.66
CA THR I 23 9.91 23.10 -24.21
C THR I 23 11.22 22.33 -24.40
N GLY I 24 12.26 23.00 -24.88
CA GLY I 24 13.56 22.37 -25.02
C GLY I 24 14.19 21.91 -23.72
N PHE I 25 14.09 22.77 -22.71
CA PHE I 25 14.64 22.46 -21.40
C PHE I 25 13.88 21.31 -20.74
N ALA I 26 12.57 21.28 -20.94
CA ALA I 26 11.75 20.19 -20.41
C ALA I 26 12.10 18.92 -21.15
N ASP I 27 12.30 19.07 -22.46
CA ASP I 27 12.79 18.01 -23.32
C ASP I 27 14.05 17.38 -22.74
N ALA I 28 14.89 18.21 -22.11
CA ALA I 28 16.10 17.69 -21.50
C ALA I 28 15.87 17.07 -20.10
N ASP I 29 15.29 17.83 -19.18
CA ASP I 29 15.31 17.45 -17.75
C ASP I 29 13.98 17.06 -17.11
N SER I 30 12.87 17.14 -17.82
CA SER I 30 11.57 16.97 -17.16
C SER I 30 11.10 15.52 -17.12
N SER I 31 10.08 15.27 -16.29
CA SER I 31 9.43 13.97 -16.23
C SER I 31 7.90 14.00 -16.15
N PHE I 32 7.28 13.12 -16.92
CA PHE I 32 5.85 12.86 -16.86
C PHE I 32 5.61 11.54 -16.13
N MET I 33 4.75 11.56 -15.11
CA MET I 33 4.62 10.43 -14.20
C MET I 33 3.17 10.05 -13.90
N LEU I 34 2.96 8.76 -13.64
CA LEU I 34 1.67 8.26 -13.16
C LEU I 34 1.91 7.42 -11.92
N THR I 35 1.33 7.84 -10.79
CA THR I 35 1.41 7.08 -9.56
C THR I 35 0.15 6.25 -9.32
N VAL I 36 0.35 4.95 -9.12
CA VAL I 36 -0.73 4.03 -8.78
C VAL I 36 -0.45 3.33 -7.44
N SER I 37 -1.13 3.80 -6.40
CA SER I 37 -0.89 3.35 -5.03
C SER I 37 -2.11 2.62 -4.46
N LYS I 38 -1.90 1.50 -3.77
CA LYS I 38 -3.00 0.79 -3.12
C LYS I 38 -3.75 1.66 -2.12
N ASP I 39 -5.07 1.64 -2.21
CA ASP I 39 -5.94 2.48 -1.38
C ASP I 39 -7.30 1.84 -1.11
N SER I 40 -7.54 1.48 0.15
CA SER I 40 -8.76 0.82 0.59
C SER I 40 -10.01 1.68 0.34
N LYS I 41 -9.84 2.99 0.37
CA LYS I 41 -10.96 3.92 0.30
C LYS I 41 -11.55 4.04 -1.11
N ARG I 42 -10.85 3.53 -2.11
CA ARG I 42 -11.32 3.63 -3.49
C ARG I 42 -12.09 2.39 -3.90
N ASN I 43 -13.03 2.54 -4.82
CA ASN I 43 -13.87 1.43 -5.25
C ASN I 43 -13.07 0.35 -5.99
N THR I 44 -12.04 0.78 -6.70
CA THR I 44 -11.15 -0.14 -7.39
C THR I 44 -10.06 -0.68 -6.47
N GLY I 45 -9.90 -0.03 -5.31
CA GLY I 45 -8.86 -0.41 -4.38
C GLY I 45 -7.55 0.30 -4.68
N TRP I 46 -7.56 1.18 -5.68
CA TRP I 46 -6.34 1.86 -6.08
C TRP I 46 -6.54 3.36 -6.32
N SER I 47 -5.50 4.11 -6.03
CA SER I 47 -5.42 5.55 -6.27
C SER I 47 -4.48 5.82 -7.45
N VAL I 48 -4.97 6.62 -8.39
CA VAL I 48 -4.22 6.97 -9.58
C VAL I 48 -4.09 8.48 -9.74
N ARG I 49 -2.87 8.96 -9.97
CA ARG I 49 -2.66 10.39 -10.12
C ARG I 49 -1.54 10.73 -11.09
N PRO I 50 -1.73 11.80 -11.88
CA PRO I 50 -0.75 12.26 -12.84
C PRO I 50 0.17 13.34 -12.26
N ARG I 51 1.40 13.40 -12.74
CA ARG I 51 2.36 14.41 -12.32
C ARG I 51 3.21 14.88 -13.50
N PHE I 52 3.52 16.17 -13.52
CA PHE I 52 4.56 16.68 -14.41
C PHE I 52 5.57 17.44 -13.56
N ARG I 53 6.86 17.21 -13.78
CA ARG I 53 7.83 17.81 -12.86
C ARG I 53 9.14 18.15 -13.56
N ILE I 54 9.77 19.23 -13.10
CA ILE I 54 11.14 19.54 -13.48
C ILE I 54 12.01 19.73 -12.24
N GLY I 55 13.14 19.01 -12.22
CA GLY I 55 14.08 19.07 -11.12
C GLY I 55 15.43 19.58 -11.59
N LEU I 56 16.05 20.42 -10.78
CA LEU I 56 17.35 20.99 -11.10
C LEU I 56 18.17 21.15 -9.84
N HIS I 57 19.45 21.46 -9.99
CA HIS I 57 20.26 21.85 -8.84
C HIS I 57 19.64 23.10 -8.20
N ASN I 58 19.72 23.19 -6.88
CA ASN I 58 19.25 24.35 -6.13
C ASN I 58 19.68 25.70 -6.71
N LYS I 59 20.89 25.72 -7.29
CA LYS I 59 21.46 26.95 -7.81
C LYS I 59 20.62 27.52 -8.95
N ASP I 60 19.73 26.69 -9.49
CA ASP I 60 18.97 27.11 -10.65
C ASP I 60 17.49 27.28 -10.33
N VAL I 61 17.15 27.52 -9.06
CA VAL I 61 15.76 27.85 -8.73
C VAL I 61 15.17 28.98 -9.59
N THR I 62 16.01 29.94 -9.92
CA THR I 62 15.60 31.08 -10.73
C THR I 62 15.01 30.68 -12.07
N ILE I 63 15.55 29.61 -12.66
CA ILE I 63 15.03 29.14 -13.95
C ILE I 63 13.58 28.71 -13.78
N LEU I 64 13.31 28.00 -12.70
CA LEU I 64 11.98 27.51 -12.43
C LEU I 64 11.04 28.69 -12.26
N LYS I 65 11.53 29.74 -11.61
CA LYS I 65 10.69 30.91 -11.40
C LYS I 65 10.30 31.55 -12.73
N SER I 66 11.23 31.55 -13.68
CA SER I 66 10.92 32.13 -14.97
C SER I 66 9.82 31.33 -15.62
N ILE I 67 9.91 30.01 -15.49
CA ILE I 67 8.89 29.14 -16.05
C ILE I 67 7.58 29.41 -15.33
N ARG I 68 7.66 29.51 -14.01
CA ARG I 68 6.47 29.80 -13.23
C ARG I 68 5.88 31.12 -13.70
N GLU I 69 6.75 32.10 -13.92
CA GLU I 69 6.30 33.42 -14.30
C GLU I 69 5.65 33.33 -15.67
N TYR I 70 6.21 32.49 -16.53
CA TYR I 70 5.60 32.30 -17.83
C TYR I 70 4.20 31.71 -17.70
N LEU I 71 4.07 30.62 -16.96
CA LEU I 71 2.80 29.88 -17.02
C LEU I 71 1.70 30.35 -16.06
N GLY I 72 2.09 31.01 -14.99
CA GLY I 72 1.14 31.42 -13.97
C GLY I 72 0.66 30.20 -13.21
N ALA I 73 1.51 29.19 -13.11
CA ALA I 73 1.15 27.92 -12.49
C ALA I 73 2.40 27.12 -12.14
N GLY I 74 2.25 26.15 -11.25
CA GLY I 74 3.39 25.34 -10.85
C GLY I 74 3.78 25.60 -9.40
N ILE I 75 4.20 24.56 -8.69
CA ILE I 75 4.59 24.71 -7.30
C ILE I 75 6.10 24.47 -7.17
N ILE I 76 6.81 25.46 -6.64
CA ILE I 76 8.25 25.39 -6.49
C ILE I 76 8.67 24.99 -5.08
N THR I 77 9.62 24.06 -5.01
CA THR I 77 10.20 23.61 -3.75
C THR I 77 11.72 23.60 -3.82
N SER I 78 12.36 23.76 -2.68
CA SER I 78 13.82 23.73 -2.59
C SER I 78 14.27 23.01 -1.33
N ASP I 79 14.95 21.89 -1.51
CA ASP I 79 15.52 21.13 -0.41
C ASP I 79 16.85 20.53 -0.80
N ILE I 80 16.87 19.23 -1.09
CA ILE I 80 18.11 18.60 -1.56
C ILE I 80 18.27 18.93 -3.04
N ASP I 81 17.17 19.30 -3.68
CA ASP I 81 17.18 19.85 -5.03
C ASP I 81 16.08 20.90 -5.19
N ALA I 82 16.00 21.49 -6.38
CA ALA I 82 14.96 22.46 -6.67
C ALA I 82 13.96 21.87 -7.66
N ARG I 83 12.68 22.00 -7.38
CA ARG I 83 11.67 21.37 -8.24
C ARG I 83 10.51 22.31 -8.53
N ILE I 84 10.00 22.25 -9.75
CA ILE I 84 8.67 22.78 -10.03
C ILE I 84 7.75 21.63 -10.42
N ARG I 85 6.57 21.59 -9.81
CA ARG I 85 5.65 20.48 -10.02
C ARG I 85 4.24 20.92 -10.41
N PHE I 86 3.61 20.07 -11.20
CA PHE I 86 2.24 20.25 -11.67
C PHE I 86 1.50 18.96 -11.35
N GLU I 87 0.54 19.04 -10.44
CA GLU I 87 -0.14 17.85 -9.93
C GLU I 87 -1.66 18.01 -9.92
N SER I 88 -2.14 19.25 -9.83
CA SER I 88 -3.58 19.50 -9.86
C SER I 88 -4.06 19.45 -11.30
N LEU I 89 -5.34 19.12 -11.50
CA LEU I 89 -5.88 19.01 -12.85
C LEU I 89 -5.80 20.30 -13.66
N LYS I 90 -6.04 21.43 -13.01
CA LYS I 90 -5.93 22.74 -13.66
C LYS I 90 -4.52 23.07 -14.16
N GLU I 91 -3.53 22.76 -13.33
CA GLU I 91 -2.14 23.02 -13.67
C GLU I 91 -1.68 22.11 -14.79
N LEU I 92 -2.06 20.84 -14.71
CA LEU I 92 -1.65 19.91 -15.73
C LEU I 92 -2.36 20.30 -17.02
N GLU I 93 -3.56 20.87 -16.89
CA GLU I 93 -4.29 21.37 -18.04
C GLU I 93 -3.49 22.48 -18.72
N VAL I 94 -2.90 23.34 -17.90
CA VAL I 94 -2.02 24.40 -18.41
C VAL I 94 -0.81 23.83 -19.14
N VAL I 95 -0.24 22.77 -18.55
CA VAL I 95 0.90 22.08 -19.15
C VAL I 95 0.56 21.47 -20.51
N ILE I 96 -0.57 20.76 -20.57
CA ILE I 96 -1.00 20.14 -21.81
C ILE I 96 -1.27 21.21 -22.85
N ASN I 97 -1.91 22.31 -22.45
CA ASN I 97 -2.17 23.38 -23.41
C ASN I 97 -0.86 23.92 -23.98
N HIS I 98 0.14 24.06 -23.11
CA HIS I 98 1.45 24.53 -23.54
C HIS I 98 2.11 23.58 -24.53
N PHE I 99 2.20 22.30 -24.19
CA PHE I 99 2.92 21.37 -25.06
C PHE I 99 2.12 21.06 -26.32
N ASP I 100 0.81 21.26 -26.25
CA ASP I 100 0.00 21.18 -27.46
C ASP I 100 0.35 22.34 -28.37
N LYS I 101 0.68 23.48 -27.76
CA LYS I 101 0.98 24.65 -28.58
C LYS I 101 2.46 24.67 -28.96
N TYR I 102 3.31 24.24 -28.02
CA TYR I 102 4.77 24.23 -28.20
C TYR I 102 5.36 22.84 -27.94
N PRO I 103 5.21 21.91 -28.90
CA PRO I 103 5.46 20.48 -28.67
C PRO I 103 6.92 20.08 -28.44
N LEU I 104 7.09 19.10 -27.55
CA LEU I 104 8.37 18.42 -27.32
C LEU I 104 8.86 17.73 -28.59
N ILE I 105 10.16 17.57 -28.70
CA ILE I 105 10.72 16.93 -29.90
C ILE I 105 11.66 15.77 -29.58
N THR I 106 11.95 15.54 -28.30
CA THR I 106 12.62 14.30 -27.90
C THR I 106 11.63 13.16 -27.74
N GLN I 107 12.13 11.97 -27.37
CA GLN I 107 11.26 10.82 -27.12
C GLN I 107 10.26 10.98 -25.97
N LYS I 108 10.49 11.98 -25.12
CA LYS I 108 9.55 12.27 -24.03
C LYS I 108 8.18 12.69 -24.51
N ARG I 109 8.09 13.15 -25.75
CA ARG I 109 6.80 13.41 -26.37
C ARG I 109 5.92 12.19 -26.34
N ALA I 110 6.53 11.01 -26.53
CA ALA I 110 5.74 9.80 -26.53
C ALA I 110 5.24 9.53 -25.13
N ASP I 111 6.10 9.80 -24.15
CA ASP I 111 5.70 9.65 -22.76
C ASP I 111 4.57 10.63 -22.50
N TYR I 112 4.72 11.82 -23.08
CA TYR I 112 3.73 12.87 -22.92
C TYR I 112 2.40 12.39 -23.45
N LEU I 113 2.44 11.71 -24.59
CA LEU I 113 1.20 11.32 -25.21
C LEU I 113 0.51 10.27 -24.37
N LEU I 114 1.29 9.37 -23.79
CA LEU I 114 0.70 8.39 -22.89
C LEU I 114 0.11 9.11 -21.71
N PHE I 115 0.89 10.03 -21.16
CA PHE I 115 0.44 10.82 -20.04
C PHE I 115 -0.84 11.55 -20.37
N LYS I 116 -0.92 12.08 -21.59
CA LYS I 116 -2.10 12.88 -21.88
C LYS I 116 -3.34 12.02 -21.94
N LYS I 117 -3.21 10.81 -22.48
CA LYS I 117 -4.37 9.94 -22.52
C LYS I 117 -4.82 9.60 -21.11
N ALA I 118 -3.86 9.34 -20.23
CA ALA I 118 -4.21 9.00 -18.87
C ALA I 118 -4.89 10.16 -18.22
N PHE I 119 -4.36 11.35 -18.46
CA PHE I 119 -4.93 12.54 -17.88
C PHE I 119 -6.39 12.70 -18.26
N TYR I 120 -6.69 12.41 -19.52
CA TYR I 120 -8.05 12.56 -19.99
C TYR I 120 -8.94 11.55 -19.29
N LEU I 121 -8.46 10.32 -19.21
CA LEU I 121 -9.17 9.25 -18.50
C LEU I 121 -9.42 9.73 -17.08
N ILE I 122 -8.41 10.34 -16.48
CA ILE I 122 -8.54 10.81 -15.11
C ILE I 122 -9.49 12.01 -15.06
N LYS I 123 -9.34 12.94 -16.00
CA LYS I 123 -10.20 14.12 -16.06
C LYS I 123 -11.68 13.73 -16.14
N ASN I 124 -11.96 12.65 -16.87
CA ASN I 124 -13.33 12.19 -17.07
C ASN I 124 -13.78 11.20 -16.00
N LYS I 125 -12.92 10.97 -15.01
CA LYS I 125 -13.23 10.13 -13.86
C LYS I 125 -13.47 8.66 -14.25
N GLU I 126 -13.00 8.29 -15.43
CA GLU I 126 -13.06 6.91 -15.92
C GLU I 126 -12.09 6.02 -15.16
N HIS I 127 -11.15 6.63 -14.45
CA HIS I 127 -10.18 5.88 -13.64
C HIS I 127 -10.82 5.25 -12.41
N LEU I 128 -12.07 5.62 -12.13
CA LEU I 128 -12.77 5.13 -10.94
C LEU I 128 -13.48 3.82 -11.27
N THR I 129 -13.18 3.28 -12.45
CA THR I 129 -13.74 2.01 -12.88
C THR I 129 -12.59 1.02 -12.99
N GLU I 130 -12.90 -0.28 -12.89
CA GLU I 130 -11.89 -1.31 -13.13
C GLU I 130 -11.32 -1.21 -14.55
N GLU I 131 -12.20 -0.90 -15.50
CA GLU I 131 -11.82 -0.83 -16.91
C GLU I 131 -10.85 0.33 -17.17
N GLY I 132 -11.21 1.51 -16.67
CA GLY I 132 -10.41 2.69 -16.88
C GLY I 132 -9.08 2.54 -16.16
N LEU I 133 -9.12 1.95 -14.98
CA LEU I 133 -7.90 1.71 -14.22
C LEU I 133 -6.96 0.80 -14.99
N ASN I 134 -7.49 -0.31 -15.50
CA ASN I 134 -6.69 -1.22 -16.29
C ASN I 134 -6.09 -0.56 -17.52
N GLN I 135 -6.86 0.33 -18.16
CA GLN I 135 -6.37 0.98 -19.36
C GLN I 135 -5.23 1.91 -18.97
N ILE I 136 -5.40 2.58 -17.84
CA ILE I 136 -4.38 3.48 -17.32
C ILE I 136 -3.09 2.70 -17.11
N LEU I 137 -3.21 1.51 -16.52
CA LEU I 137 -2.03 0.65 -16.35
C LEU I 137 -1.40 0.27 -17.69
N THR I 138 -2.22 0.07 -18.71
CA THR I 138 -1.65 -0.20 -20.03
C THR I 138 -0.83 1.01 -20.48
N LEU I 139 -1.28 2.22 -20.13
CA LEU I 139 -0.54 3.43 -20.46
C LEU I 139 0.77 3.56 -19.67
N LYS I 140 0.67 3.37 -18.36
CA LYS I 140 1.80 3.44 -17.44
C LYS I 140 2.88 2.42 -17.76
N ALA I 141 2.46 1.26 -18.27
CA ALA I 141 3.37 0.18 -18.58
C ALA I 141 4.40 0.63 -19.63
N SER I 142 4.00 1.56 -20.48
CA SER I 142 4.85 2.04 -21.56
C SER I 142 5.45 3.40 -21.20
N LEU I 143 5.07 3.93 -20.05
CA LEU I 143 5.52 5.24 -19.59
C LEU I 143 6.77 5.13 -18.73
N ASN I 144 7.82 5.85 -19.13
CA ASN I 144 9.10 5.84 -18.41
C ASN I 144 9.56 4.42 -18.10
N LEU I 145 9.68 4.11 -16.81
CA LEU I 145 10.25 2.85 -16.37
C LEU I 145 9.21 1.73 -16.36
N GLY I 146 7.97 2.09 -16.69
CA GLY I 146 6.92 1.09 -16.80
C GLY I 146 6.40 0.65 -15.44
N LEU I 147 5.76 -0.52 -15.41
CA LEU I 147 5.11 -1.00 -14.20
C LEU I 147 6.14 -1.66 -13.30
N SER I 148 6.06 -1.37 -12.00
CA SER I 148 6.85 -2.08 -11.01
C SER I 148 6.45 -3.54 -10.85
N GLU I 149 7.33 -4.31 -10.22
CA GLU I 149 7.07 -5.71 -9.90
C GLU I 149 5.80 -5.88 -9.08
N GLU I 150 5.63 -5.01 -8.09
CA GLU I 150 4.45 -5.02 -7.23
C GLU I 150 3.15 -4.85 -8.02
N LEU I 151 3.16 -3.90 -8.95
CA LEU I 151 1.98 -3.64 -9.78
C LEU I 151 1.74 -4.78 -10.77
N LYS I 152 2.82 -5.34 -11.29
CA LYS I 152 2.72 -6.52 -12.15
C LYS I 152 2.06 -7.66 -11.39
N GLU I 153 2.46 -7.83 -10.13
CA GLU I 153 1.91 -8.87 -9.26
C GLU I 153 0.43 -8.62 -9.00
N ALA I 154 0.07 -7.35 -8.82
CA ALA I 154 -1.32 -7.01 -8.51
C ALA I 154 -2.21 -7.00 -9.75
N PHE I 155 -1.61 -6.74 -10.91
CA PHE I 155 -2.36 -6.68 -12.16
C PHE I 155 -1.75 -7.47 -13.30
N PRO I 156 -1.67 -8.80 -13.16
CA PRO I 156 -0.98 -9.63 -14.17
C PRO I 156 -1.63 -9.56 -15.56
N ASN I 157 -0.96 -10.16 -16.54
CA ASN I 157 -1.38 -10.17 -17.94
C ASN I 157 -1.71 -8.79 -18.53
N THR I 158 -1.14 -7.75 -17.95
CA THR I 158 -1.35 -6.39 -18.43
C THR I 158 -0.58 -6.22 -19.75
N ILE I 159 -1.28 -5.88 -20.82
CA ILE I 159 -0.56 -5.60 -22.06
C ILE I 159 -0.39 -4.11 -22.30
N PRO I 160 0.88 -3.66 -22.36
CA PRO I 160 1.31 -2.27 -22.47
C PRO I 160 0.80 -1.56 -23.72
N ALA I 161 0.30 -0.35 -23.57
CA ALA I 161 -0.22 0.42 -24.69
C ALA I 161 0.88 0.64 -25.74
N GLU I 162 0.48 0.84 -26.99
CA GLU I 162 1.44 1.06 -28.05
C GLU I 162 2.16 2.38 -27.81
N ARG I 163 3.48 2.39 -28.01
CA ARG I 163 4.25 3.60 -27.79
C ARG I 163 4.73 4.17 -29.12
N LEU I 164 4.45 5.45 -29.34
CA LEU I 164 4.90 6.14 -30.54
C LEU I 164 6.41 6.17 -30.65
N LEU I 165 6.94 5.67 -31.76
CA LEU I 165 8.35 5.91 -32.06
C LEU I 165 8.45 7.28 -32.71
N VAL I 166 9.15 8.22 -32.07
CA VAL I 166 9.18 9.59 -32.57
C VAL I 166 10.28 9.72 -33.62
N THR I 167 9.90 10.14 -34.83
CA THR I 167 10.84 10.19 -35.94
C THR I 167 10.50 11.33 -36.90
N GLY I 168 11.50 11.76 -37.65
CA GLY I 168 11.35 12.78 -38.67
C GLY I 168 10.96 14.14 -38.10
N GLN I 169 11.43 14.42 -36.90
CA GLN I 169 11.05 15.64 -36.21
C GLN I 169 12.04 16.76 -36.52
N GLU I 170 11.54 17.92 -36.93
CA GLU I 170 12.38 19.08 -37.20
C GLU I 170 12.65 19.93 -35.97
N ILE I 171 13.82 20.57 -35.93
CA ILE I 171 14.11 21.57 -34.91
C ILE I 171 13.18 22.76 -35.10
N PRO I 172 12.28 22.99 -34.12
CA PRO I 172 11.24 24.01 -34.30
C PRO I 172 11.73 25.45 -34.17
N ASP I 173 12.84 25.67 -33.46
CA ASP I 173 13.29 27.02 -33.13
C ASP I 173 14.65 27.03 -32.45
N SER I 174 15.43 28.07 -32.71
CA SER I 174 16.76 28.22 -32.12
C SER I 174 16.72 28.25 -30.59
N ASN I 175 15.66 28.82 -30.03
CA ASN I 175 15.54 28.89 -28.58
C ASN I 175 15.25 27.53 -27.97
N TRP I 176 14.67 26.64 -28.76
CA TRP I 176 14.48 25.26 -28.35
C TRP I 176 15.87 24.69 -28.11
N VAL I 177 16.76 24.96 -29.06
CA VAL I 177 18.14 24.51 -29.01
C VAL I 177 18.84 25.09 -27.79
N ALA I 178 18.58 26.36 -27.51
CA ALA I 178 19.17 26.99 -26.33
C ALA I 178 18.73 26.30 -25.04
N GLY I 179 17.45 25.98 -24.93
CA GLY I 179 16.95 25.31 -23.73
C GLY I 179 17.50 23.90 -23.60
N PHE I 180 17.49 23.18 -24.72
CA PHE I 180 18.00 21.82 -24.77
C PHE I 180 19.47 21.76 -24.39
N THR I 181 20.25 22.70 -24.88
CA THR I 181 21.68 22.70 -24.61
C THR I 181 21.88 23.10 -23.16
N ALA I 182 20.99 23.96 -22.67
CA ALA I 182 21.05 24.37 -21.27
C ALA I 182 20.79 23.18 -20.36
N GLY I 183 20.04 22.19 -20.87
CA GLY I 183 19.82 20.98 -20.10
C GLY I 183 20.89 19.91 -20.26
N GLU I 184 21.18 19.52 -21.49
CA GLU I 184 22.01 18.35 -21.79
C GLU I 184 23.41 18.70 -22.26
N GLY I 185 23.69 19.97 -22.46
CA GLY I 185 24.94 20.34 -23.09
C GLY I 185 26.10 20.42 -22.12
N SER I 186 27.30 20.41 -22.67
CA SER I 186 28.51 20.57 -21.88
C SER I 186 29.56 21.38 -22.64
N PHE I 187 30.10 22.37 -21.96
CA PHE I 187 31.22 23.16 -22.47
C PHE I 187 32.44 22.88 -21.62
N TYR I 188 33.39 22.10 -22.12
CA TYR I 188 34.55 21.81 -21.27
C TYR I 188 35.87 21.92 -22.02
N ILE I 189 36.94 22.12 -21.26
CA ILE I 189 38.28 22.20 -21.81
C ILE I 189 39.04 20.91 -21.53
N ARG I 190 39.46 20.26 -22.61
CA ARG I 190 40.18 19.01 -22.52
C ARG I 190 41.69 19.27 -22.57
N ILE I 191 42.39 18.78 -21.57
CA ILE I 191 43.85 18.86 -21.53
C ILE I 191 44.44 17.46 -21.52
N ALA I 192 45.26 17.16 -22.52
CA ALA I 192 45.83 15.82 -22.63
C ALA I 192 47.34 15.87 -22.49
N LYS I 193 47.89 15.05 -21.60
CA LYS I 193 49.34 14.97 -21.49
C LYS I 193 49.88 14.38 -22.79
N ASN I 194 50.82 15.08 -23.42
CA ASN I 194 51.28 14.68 -24.74
C ASN I 194 52.66 15.29 -24.99
N SER I 195 53.69 14.44 -24.98
CA SER I 195 55.06 14.89 -25.05
C SER I 195 55.42 15.53 -26.40
N THR I 196 54.66 15.21 -27.44
CA THR I 196 54.95 15.74 -28.77
C THR I 196 54.58 17.22 -28.93
N LEU I 197 54.02 17.80 -27.87
CA LEU I 197 53.75 19.23 -27.84
C LEU I 197 54.75 19.96 -26.94
N LYS I 198 55.10 21.18 -27.33
CA LYS I 198 56.12 21.95 -26.63
C LYS I 198 55.77 22.14 -25.16
N THR I 199 54.50 22.42 -24.88
CA THR I 199 54.05 22.64 -23.51
C THR I 199 53.91 21.32 -22.75
N GLY I 200 53.92 20.22 -23.49
CA GLY I 200 53.70 18.91 -22.88
C GLY I 200 52.24 18.50 -22.83
N TYR I 201 51.36 19.37 -23.31
CA TYR I 201 49.93 19.10 -23.26
C TYR I 201 49.21 19.63 -24.51
N GLN I 202 48.30 18.82 -25.04
CA GLN I 202 47.34 19.35 -26.01
C GLN I 202 46.19 20.00 -25.26
N VAL I 203 45.73 21.12 -25.80
CA VAL I 203 44.56 21.83 -25.28
C VAL I 203 43.46 21.89 -26.32
N GLN I 204 42.25 21.48 -25.94
CA GLN I 204 41.15 21.46 -26.87
C GLN I 204 39.92 22.05 -26.21
N SER I 205 39.19 22.89 -26.93
CA SER I 205 37.90 23.35 -26.45
C SER I 205 36.82 22.43 -27.00
N VAL I 206 35.94 21.97 -26.14
CA VAL I 206 34.96 20.96 -26.53
C VAL I 206 33.53 21.39 -26.21
N PHE I 207 32.65 21.24 -27.19
CA PHE I 207 31.21 21.37 -26.95
C PHE I 207 30.55 20.02 -27.19
N GLN I 208 29.62 19.66 -26.33
CA GLN I 208 29.09 18.30 -26.37
C GLN I 208 27.61 18.24 -26.00
N ILE I 209 26.87 17.33 -26.62
CA ILE I 209 25.53 17.02 -26.14
C ILE I 209 25.39 15.52 -26.04
N THR I 210 24.86 15.03 -24.93
CA THR I 210 24.77 13.60 -24.69
C THR I 210 23.33 13.14 -24.61
N GLN I 211 23.03 11.98 -25.20
CA GLN I 211 21.67 11.44 -25.11
C GLN I 211 21.70 9.96 -25.41
N ASP I 212 20.81 9.19 -24.78
CA ASP I 212 20.72 7.75 -25.02
C ASP I 212 20.40 7.38 -26.47
N THR I 213 20.88 6.20 -26.87
CA THR I 213 20.76 5.76 -28.26
C THR I 213 19.30 5.55 -28.62
N ARG I 214 18.61 6.62 -29.01
CA ARG I 214 17.22 6.52 -29.43
C ARG I 214 16.79 7.73 -30.26
N ASP I 215 17.54 8.82 -30.14
CA ASP I 215 17.26 10.05 -30.87
C ASP I 215 18.43 10.44 -31.78
N ILE I 216 19.11 9.43 -32.35
CA ILE I 216 20.26 9.70 -33.20
C ILE I 216 19.83 10.49 -34.44
N GLU I 217 18.62 10.25 -34.92
CA GLU I 217 18.12 10.96 -36.09
C GLU I 217 18.06 12.44 -35.75
N LEU I 218 17.55 12.71 -34.55
CA LEU I 218 17.46 14.04 -34.00
C LEU I 218 18.85 14.66 -33.87
N MET I 219 19.80 13.88 -33.37
CA MET I 219 21.18 14.35 -33.17
C MET I 219 21.80 14.78 -34.49
N LYS I 220 21.56 13.98 -35.52
CA LYS I 220 22.04 14.32 -36.85
C LYS I 220 21.34 15.60 -37.29
N ASN I 221 20.08 15.77 -36.91
CA ASN I 221 19.40 17.02 -37.25
C ASN I 221 20.04 18.21 -36.53
N LEU I 222 20.53 18.03 -35.31
CA LEU I 222 21.22 19.12 -34.61
C LEU I 222 22.55 19.45 -35.28
N ILE I 223 23.18 18.41 -35.81
CA ILE I 223 24.43 18.59 -36.54
C ILE I 223 24.17 19.40 -37.81
N SER I 224 23.11 19.03 -38.52
CA SER I 224 22.72 19.77 -39.72
C SER I 224 22.32 21.21 -39.39
N TYR I 225 21.63 21.40 -38.26
CA TYR I 225 21.09 22.70 -37.91
C TYR I 225 22.23 23.64 -37.52
N LEU I 226 23.20 23.12 -36.78
CA LEU I 226 24.34 23.91 -36.34
C LEU I 226 25.46 23.88 -37.38
N ASN I 227 25.31 22.97 -38.35
CA ASN I 227 26.21 22.76 -39.49
C ASN I 227 27.61 22.27 -39.07
N CYS I 228 27.67 21.58 -37.93
CA CYS I 228 28.92 21.01 -37.45
C CYS I 228 28.74 19.91 -36.39
N GLY I 229 29.86 19.28 -36.04
CA GLY I 229 29.95 18.27 -35.01
C GLY I 229 29.98 16.85 -35.56
N ASN I 230 30.50 15.92 -34.76
CA ASN I 230 30.47 14.51 -35.09
C ASN I 230 29.73 13.64 -34.08
N ILE I 231 29.23 12.50 -34.52
CA ILE I 231 28.60 11.53 -33.63
C ILE I 231 29.59 10.49 -33.06
N ARG I 232 29.58 10.31 -31.75
CA ARG I 232 30.40 9.30 -31.10
C ARG I 232 29.46 8.34 -30.36
N ILE I 233 29.55 7.05 -30.65
CA ILE I 233 28.72 6.07 -29.98
C ILE I 233 29.49 5.27 -28.93
N ARG I 234 29.00 5.30 -27.69
CA ARG I 234 29.55 4.48 -26.63
C ARG I 234 28.51 3.48 -26.11
N THR I 245 25.50 2.54 -25.76
CA THR I 245 24.42 2.91 -24.85
C THR I 245 24.05 4.39 -24.99
N CYS I 246 25.05 5.26 -24.89
CA CYS I 246 24.85 6.67 -25.17
C CYS I 246 25.48 7.16 -26.47
N VAL I 247 24.90 8.23 -27.03
CA VAL I 247 25.46 8.93 -28.18
C VAL I 247 25.87 10.34 -27.77
N ASP I 248 27.03 10.79 -28.27
CA ASP I 248 27.45 12.17 -28.11
C ASP I 248 27.54 12.95 -29.44
N LEU I 249 26.98 14.15 -29.47
CA LEU I 249 27.31 15.15 -30.48
C LEU I 249 28.53 15.91 -29.98
N VAL I 250 29.64 15.86 -30.72
CA VAL I 250 30.86 16.52 -30.28
C VAL I 250 31.44 17.51 -31.29
N VAL I 251 31.60 18.75 -30.85
CA VAL I 251 32.28 19.78 -31.64
C VAL I 251 33.64 20.10 -31.04
N THR I 252 34.69 19.83 -31.81
CA THR I 252 36.07 20.04 -31.39
C THR I 252 36.82 21.02 -32.30
N ASN I 253 36.33 21.18 -33.52
CA ASN I 253 36.92 22.11 -34.49
C ASN I 253 36.91 23.53 -33.94
N LEU I 254 38.09 24.14 -33.90
CA LEU I 254 38.26 25.43 -33.26
C LEU I 254 37.49 26.59 -33.88
N ASN I 255 37.50 26.73 -35.21
CA ASN I 255 36.68 27.78 -35.79
C ASN I 255 35.28 27.36 -36.23
N ASP I 256 34.87 26.13 -35.91
CA ASP I 256 33.45 25.84 -35.83
C ASP I 256 32.90 26.40 -34.54
N ILE I 257 33.69 26.26 -33.48
CA ILE I 257 33.33 26.81 -32.18
C ILE I 257 33.32 28.33 -32.30
N LYS I 258 34.37 28.85 -32.93
CA LYS I 258 34.54 30.28 -33.12
C LYS I 258 33.49 30.91 -34.04
N GLU I 259 33.19 30.25 -35.16
CA GLU I 259 32.36 30.88 -36.18
C GLU I 259 30.92 30.36 -36.25
N LYS I 260 30.60 29.32 -35.48
CA LYS I 260 29.25 28.78 -35.53
C LYS I 260 28.56 28.73 -34.16
N ILE I 261 29.14 27.95 -33.26
CA ILE I 261 28.61 27.74 -31.91
C ILE I 261 28.49 28.98 -31.01
N ILE I 262 29.58 29.71 -30.87
CA ILE I 262 29.61 30.90 -30.00
C ILE I 262 28.66 32.02 -30.45
N PRO I 263 28.63 32.36 -31.76
CA PRO I 263 27.64 33.37 -32.15
C PRO I 263 26.22 32.90 -31.87
N PHE I 264 25.99 31.61 -32.09
CA PHE I 264 24.68 31.01 -31.88
C PHE I 264 24.26 31.18 -30.42
N PHE I 265 25.12 30.81 -29.48
CA PHE I 265 24.67 30.83 -28.10
C PHE I 265 24.82 32.24 -27.53
N ASN I 266 25.43 33.13 -28.31
CA ASN I 266 25.49 34.53 -27.94
C ASN I 266 24.15 35.19 -28.25
N LYS I 267 23.53 34.71 -29.33
CA LYS I 267 22.22 35.18 -29.75
C LYS I 267 21.10 34.38 -29.09
N ASN I 268 21.35 33.08 -28.92
CA ASN I 268 20.40 32.18 -28.27
C ASN I 268 20.96 31.78 -26.92
N HIS I 269 20.52 32.46 -25.88
CA HIS I 269 21.23 32.47 -24.61
C HIS I 269 21.11 31.17 -23.85
N ILE I 270 22.24 30.70 -23.33
CA ILE I 270 22.25 29.62 -22.34
C ILE I 270 21.68 30.17 -21.04
N ILE I 271 20.88 29.38 -20.34
CA ILE I 271 20.35 29.79 -19.05
C ILE I 271 20.96 28.99 -17.92
N GLY I 272 20.85 29.52 -16.71
CA GLY I 272 21.29 28.83 -15.52
C GLY I 272 22.78 29.00 -15.29
N VAL I 273 23.30 28.36 -14.25
CA VAL I 273 24.72 28.44 -13.92
C VAL I 273 25.63 28.06 -15.08
N LYS I 274 25.16 27.15 -15.94
CA LYS I 274 25.96 26.74 -17.09
C LYS I 274 26.33 27.88 -18.03
N LEU I 275 25.57 28.97 -17.99
CA LEU I 275 25.89 30.13 -18.81
C LEU I 275 27.22 30.68 -18.39
N GLN I 276 27.46 30.68 -17.09
CA GLN I 276 28.71 31.19 -16.57
C GLN I 276 29.84 30.27 -17.01
N ASP I 277 29.57 28.96 -17.02
CA ASP I 277 30.58 28.04 -17.47
C ASP I 277 30.84 28.32 -18.93
N TYR I 278 29.75 28.56 -19.65
CA TYR I 278 29.85 28.91 -21.06
C TYR I 278 30.73 30.13 -21.21
N ARG I 279 30.49 31.14 -20.39
CA ARG I 279 31.28 32.36 -20.49
C ARG I 279 32.76 32.06 -20.26
N ASP I 280 33.06 31.30 -19.21
CA ASP I 280 34.44 30.92 -18.96
C ASP I 280 35.00 30.14 -20.12
N TRP I 281 34.18 29.23 -20.63
CA TRP I 281 34.58 28.43 -21.77
C TRP I 281 34.91 29.31 -22.97
N CYS I 282 34.07 30.31 -23.21
CA CYS I 282 34.34 31.27 -24.27
C CYS I 282 35.67 31.95 -24.08
N LYS I 283 35.95 32.33 -22.84
CA LYS I 283 37.16 33.07 -22.56
C LYS I 283 38.37 32.21 -22.89
N VAL I 284 38.30 30.93 -22.52
CA VAL I 284 39.43 30.07 -22.82
C VAL I 284 39.57 29.88 -24.31
N VAL I 285 38.45 29.79 -25.01
CA VAL I 285 38.52 29.66 -26.45
C VAL I 285 39.22 30.86 -27.06
N THR I 286 38.94 32.04 -26.53
CA THR I 286 39.62 33.24 -27.00
C THR I 286 41.13 33.13 -26.82
N LEU I 287 41.53 32.74 -25.61
CA LEU I 287 42.94 32.56 -25.31
C LEU I 287 43.55 31.54 -26.27
N ILE I 288 42.80 30.49 -26.58
CA ILE I 288 43.31 29.47 -27.50
C ILE I 288 43.47 30.06 -28.89
N ASP I 289 42.46 30.80 -29.35
CA ASP I 289 42.52 31.41 -30.68
C ASP I 289 43.77 32.30 -30.83
N ASN I 290 44.22 32.89 -29.73
CA ASN I 290 45.40 33.74 -29.75
C ASN I 290 46.67 32.99 -29.38
N LYS I 291 46.61 31.66 -29.45
CA LYS I 291 47.78 30.79 -29.29
C LYS I 291 48.45 30.85 -27.93
N GLU I 292 47.74 31.40 -26.94
CA GLU I 292 48.29 31.53 -25.59
C GLU I 292 48.37 30.17 -24.88
N HIS I 293 47.66 29.19 -25.42
CA HIS I 293 47.69 27.82 -24.92
C HIS I 293 49.01 27.13 -25.24
N LEU I 294 49.79 27.74 -26.12
CA LEU I 294 51.08 27.19 -26.56
C LEU I 294 52.25 27.68 -25.71
N THR I 295 51.94 28.37 -24.62
CA THR I 295 52.98 28.80 -23.67
C THR I 295 52.71 28.18 -22.31
N SER I 296 53.76 28.00 -21.52
CA SER I 296 53.65 27.44 -20.17
C SER I 296 52.75 28.28 -19.27
N GLU I 297 52.96 29.59 -19.27
CA GLU I 297 52.18 30.50 -18.44
C GLU I 297 50.71 30.43 -18.81
N GLY I 298 50.44 30.49 -20.11
CA GLY I 298 49.07 30.40 -20.61
C GLY I 298 48.43 29.06 -20.27
N LEU I 299 49.20 28.00 -20.37
CA LEU I 299 48.71 26.66 -20.02
C LEU I 299 48.32 26.58 -18.55
N GLU I 300 49.15 27.19 -17.69
CA GLU I 300 48.84 27.30 -16.27
C GLU I 300 47.54 28.07 -16.07
N LYS I 301 47.41 29.17 -16.82
CA LYS I 301 46.20 29.99 -16.81
C LYS I 301 44.99 29.11 -17.09
N ILE I 302 45.07 28.34 -18.19
CA ILE I 302 43.95 27.51 -18.61
C ILE I 302 43.61 26.46 -17.58
N GLN I 303 44.62 25.76 -17.06
CA GLN I 303 44.40 24.80 -15.99
C GLN I 303 43.65 25.44 -14.81
N LYS I 304 44.07 26.66 -14.46
CA LYS I 304 43.45 27.41 -13.37
C LYS I 304 41.98 27.73 -13.64
N ILE I 305 41.68 28.14 -14.86
CA ILE I 305 40.31 28.44 -15.26
C ILE I 305 39.44 27.18 -15.26
N LYS I 306 39.98 26.13 -15.87
CA LYS I 306 39.33 24.82 -15.96
C LYS I 306 38.96 24.31 -14.58
N GLU I 307 39.86 24.50 -13.62
CA GLU I 307 39.63 24.00 -12.27
C GLU I 307 38.45 24.73 -11.62
N GLY I 308 38.08 25.88 -12.16
CA GLY I 308 36.98 26.67 -11.65
C GLY I 308 35.69 26.51 -12.46
N MET I 309 35.69 25.57 -13.41
CA MET I 309 34.54 25.35 -14.27
C MET I 309 33.76 24.10 -13.90
N ASN I 310 32.49 24.07 -14.27
CA ASN I 310 31.64 22.88 -14.16
C ASN I 310 31.61 22.29 -12.76
N ARG I 311 31.99 21.01 -12.66
CA ARG I 311 31.96 20.29 -11.39
C ARG I 311 32.87 20.91 -10.32
N GLY I 312 33.92 21.61 -10.75
CA GLY I 312 34.81 22.22 -9.80
C GLY I 312 34.32 23.57 -9.28
N ARG I 313 33.22 24.05 -9.85
CA ARG I 313 32.64 25.31 -9.41
C ARG I 313 31.98 25.08 -8.05
N SER I 314 32.23 25.97 -7.09
CA SER I 314 31.72 25.77 -5.74
C SER I 314 30.25 26.16 -5.64
N ASN M 16 -61.89 1.41 27.69
CA ASN M 16 -62.42 2.65 28.25
C ASN M 16 -61.37 3.75 28.30
N ILE M 17 -61.75 4.94 27.85
CA ILE M 17 -60.84 6.08 27.79
C ILE M 17 -60.44 6.53 29.20
N SER M 18 -59.21 6.99 29.35
CA SER M 18 -58.74 7.47 30.64
C SER M 18 -59.20 8.91 30.87
N PRO M 19 -59.46 9.26 32.14
CA PRO M 19 -59.92 10.61 32.50
C PRO M 19 -58.89 11.66 32.12
N TRP M 20 -57.62 11.31 32.25
CA TRP M 20 -56.53 12.21 31.92
C TRP M 20 -56.42 12.43 30.42
N THR M 21 -56.81 11.43 29.63
CA THR M 21 -56.88 11.59 28.18
C THR M 21 -57.94 12.65 27.85
N ILE M 22 -59.06 12.57 28.57
CA ILE M 22 -60.16 13.50 28.40
C ILE M 22 -59.70 14.91 28.74
N THR M 23 -59.02 15.05 29.88
CA THR M 23 -58.56 16.35 30.31
C THR M 23 -57.54 16.92 29.33
N GLY M 24 -56.62 16.10 28.84
CA GLY M 24 -55.65 16.54 27.84
C GLY M 24 -56.25 17.01 26.52
N PHE M 25 -57.22 16.23 26.05
CA PHE M 25 -57.90 16.54 24.80
C PHE M 25 -58.74 17.82 24.93
N ALA M 26 -59.35 18.01 26.09
CA ALA M 26 -60.11 19.23 26.35
C ALA M 26 -59.14 20.40 26.45
N ASP M 27 -58.00 20.12 27.07
CA ASP M 27 -56.87 21.04 27.12
C ASP M 27 -56.53 21.54 25.71
N ALA M 28 -56.65 20.66 24.72
CA ALA M 28 -56.37 21.08 23.35
C ALA M 28 -57.54 21.81 22.69
N ASP M 29 -58.71 21.18 22.64
CA ASP M 29 -59.78 21.67 21.76
C ASP M 29 -61.04 22.26 22.41
N SER M 30 -61.14 22.27 23.73
CA SER M 30 -62.42 22.63 24.35
C SER M 30 -62.53 24.13 24.63
N SER M 31 -63.76 24.57 24.92
CA SER M 31 -64.03 25.94 25.32
C SER M 31 -65.00 26.12 26.48
N PHE M 32 -64.65 27.03 27.39
CA PHE M 32 -65.50 27.47 28.48
C PHE M 32 -66.06 28.85 28.13
N MET M 33 -67.37 29.00 28.22
CA MET M 33 -68.04 30.20 27.71
C MET M 33 -69.08 30.77 28.66
N LEU M 34 -69.26 32.10 28.59
CA LEU M 34 -70.32 32.78 29.31
C LEU M 34 -71.09 33.67 28.32
N THR M 35 -72.37 33.39 28.15
CA THR M 35 -73.23 34.21 27.32
C THR M 35 -74.06 35.20 28.12
N VAL M 36 -73.94 36.48 27.76
CA VAL M 36 -74.74 37.54 28.36
C VAL M 36 -75.55 38.27 27.30
N SER M 37 -76.84 37.95 27.23
CA SER M 37 -77.74 38.44 26.19
C SER M 37 -78.83 39.35 26.76
N LYS M 38 -79.12 40.46 26.08
CA LYS M 38 -80.20 41.35 26.51
C LYS M 38 -81.55 40.63 26.56
N ASP M 39 -82.25 40.82 27.67
CA ASP M 39 -83.53 40.15 27.94
C ASP M 39 -84.47 40.99 28.81
N SER M 40 -85.57 41.42 28.22
CA SER M 40 -86.57 42.27 28.88
C SER M 40 -87.21 41.57 30.09
N LYS M 41 -87.28 40.25 30.04
CA LYS M 41 -88.00 39.46 31.05
C LYS M 41 -87.25 39.35 32.37
N ARG M 42 -85.97 39.70 32.38
CA ARG M 42 -85.16 39.57 33.59
C ARG M 42 -85.14 40.89 34.37
N ASN M 43 -84.99 40.81 35.68
CA ASN M 43 -85.02 41.99 36.53
C ASN M 43 -83.82 42.90 36.26
N THR M 44 -82.69 42.30 35.90
CA THR M 44 -81.49 43.05 35.54
C THR M 44 -81.53 43.50 34.09
N GLY M 45 -82.43 42.91 33.31
CA GLY M 45 -82.51 43.20 31.89
C GLY M 45 -81.58 42.32 31.08
N TRP M 46 -80.91 41.40 31.74
CA TRP M 46 -79.95 40.52 31.05
C TRP M 46 -80.08 39.06 31.45
N SER M 47 -79.79 38.19 30.49
CA SER M 47 -79.73 36.75 30.67
C SER M 47 -78.28 36.29 30.64
N VAL M 48 -77.90 35.51 31.64
CA VAL M 48 -76.55 34.99 31.78
C VAL M 48 -76.54 33.47 31.86
N ARG M 49 -75.69 32.84 31.06
CA ARG M 49 -75.61 31.39 31.08
C ARG M 49 -74.21 30.86 30.78
N PRO M 50 -73.82 29.80 31.48
CA PRO M 50 -72.52 29.17 31.28
C PRO M 50 -72.59 28.02 30.28
N ARG M 51 -71.50 27.78 29.56
CA ARG M 51 -71.42 26.67 28.61
C ARG M 51 -70.03 26.04 28.67
N PHE M 52 -69.99 24.72 28.55
CA PHE M 52 -68.74 24.03 28.28
C PHE M 52 -68.90 23.17 27.05
N ARG M 53 -67.94 23.21 26.13
CA ARG M 53 -68.18 22.48 24.90
C ARG M 53 -66.88 21.97 24.33
N ILE M 54 -66.92 20.79 23.73
CA ILE M 54 -65.79 20.37 22.92
C ILE M 54 -66.34 19.99 21.54
N GLY M 55 -65.70 20.55 20.52
CA GLY M 55 -66.06 20.31 19.14
C GLY M 55 -64.91 19.69 18.37
N LEU M 56 -65.28 18.92 17.35
CA LEU M 56 -64.32 18.22 16.48
C LEU M 56 -64.93 18.05 15.10
N HIS M 57 -64.11 17.63 14.15
CA HIS M 57 -64.60 17.24 12.83
C HIS M 57 -65.57 16.08 12.97
N ASN M 58 -66.59 16.07 12.12
CA ASN M 58 -67.58 15.00 12.08
C ASN M 58 -66.98 13.59 12.11
N LYS M 59 -65.80 13.43 11.51
CA LYS M 59 -65.19 12.12 11.41
C LYS M 59 -64.86 11.59 12.80
N ASP M 60 -64.87 12.47 13.79
CA ASP M 60 -64.47 12.10 15.13
C ASP M 60 -65.63 12.14 16.12
N VAL M 61 -66.87 12.00 15.64
CA VAL M 61 -68.00 11.88 16.56
C VAL M 61 -67.80 10.79 17.61
N THR M 62 -67.15 9.71 17.21
CA THR M 62 -66.89 8.59 18.11
C THR M 62 -66.11 8.98 19.36
N ILE M 63 -65.20 9.93 19.22
CA ILE M 63 -64.44 10.39 20.38
C ILE M 63 -65.36 10.99 21.41
N LEU M 64 -66.30 11.80 20.94
CA LEU M 64 -67.24 12.46 21.80
C LEU M 64 -68.08 11.42 22.52
N LYS M 65 -68.44 10.36 21.82
CA LYS M 65 -69.24 9.31 22.44
C LYS M 65 -68.50 8.66 23.59
N SER M 66 -67.19 8.48 23.43
CA SER M 66 -66.41 7.86 24.48
C SER M 66 -66.46 8.77 25.70
N ILE M 67 -66.33 10.06 25.46
CA ILE M 67 -66.39 11.02 26.56
C ILE M 67 -67.76 10.95 27.18
N ARG M 68 -68.79 10.94 26.34
CA ARG M 68 -70.15 10.84 26.84
C ARG M 68 -70.28 9.58 27.67
N GLU M 69 -69.70 8.49 27.16
CA GLU M 69 -69.82 7.21 27.84
C GLU M 69 -69.10 7.30 29.16
N TYR M 70 -67.99 8.01 29.19
CA TYR M 70 -67.29 8.19 30.44
C TYR M 70 -68.15 8.94 31.45
N LEU M 71 -68.71 10.09 31.04
CA LEU M 71 -69.32 10.97 32.04
C LEU M 71 -70.78 10.70 32.37
N GLY M 72 -71.49 10.05 31.46
CA GLY M 72 -72.91 9.84 31.64
C GLY M 72 -73.65 11.16 31.49
N ALA M 73 -73.09 12.04 30.68
CA ALA M 73 -73.63 13.39 30.50
C ALA M 73 -73.07 14.04 29.25
N GLY M 74 -73.73 15.09 28.77
CA GLY M 74 -73.30 15.77 27.57
C GLY M 74 -74.26 15.55 26.42
N ILE M 75 -74.45 16.58 25.60
CA ILE M 75 -75.36 16.47 24.47
C ILE M 75 -74.57 16.53 23.17
N ILE M 76 -74.73 15.49 22.35
CA ILE M 76 -74.00 15.38 21.09
C ILE M 76 -74.84 15.83 19.90
N THR M 77 -74.22 16.63 19.03
CA THR M 77 -74.83 17.09 17.78
C THR M 77 -73.87 16.91 16.62
N SER M 78 -74.43 16.74 15.42
CA SER M 78 -73.62 16.60 14.22
C SER M 78 -74.25 17.35 13.05
N ASP M 79 -73.55 18.37 12.56
CA ASP M 79 -74.00 19.13 11.39
C ASP M 79 -72.81 19.54 10.54
N ILE M 80 -72.41 20.81 10.61
CA ILE M 80 -71.23 21.24 9.88
C ILE M 80 -69.99 20.78 10.65
N ASP M 81 -70.20 20.52 11.93
CA ASP M 81 -69.20 19.87 12.77
C ASP M 81 -69.87 18.97 13.80
N ALA M 82 -69.05 18.29 14.61
CA ALA M 82 -69.59 17.45 15.68
C ALA M 82 -69.28 18.09 17.02
N ARG M 83 -70.28 18.16 17.90
CA ARG M 83 -70.08 18.85 19.17
C ARG M 83 -70.68 18.05 20.32
N ILE M 84 -69.99 18.04 21.46
CA ILE M 84 -70.65 17.68 22.71
C ILE M 84 -70.66 18.90 23.62
N ARG M 85 -71.83 19.17 24.19
CA ARG M 85 -72.04 20.36 25.00
C ARG M 85 -72.63 20.08 26.37
N PHE M 86 -72.26 20.93 27.31
CA PHE M 86 -72.72 20.89 28.69
C PHE M 86 -73.23 22.28 29.00
N GLU M 87 -74.54 22.39 29.23
CA GLU M 87 -75.19 23.68 29.38
C GLU M 87 -76.10 23.73 30.60
N SER M 88 -76.62 22.57 31.01
CA SER M 88 -77.47 22.51 32.20
C SER M 88 -76.61 22.53 33.46
N LEU M 89 -77.18 22.99 34.57
CA LEU M 89 -76.42 23.09 35.81
C LEU M 89 -75.90 21.75 36.32
N LYS M 90 -76.70 20.70 36.19
CA LYS M 90 -76.29 19.35 36.58
C LYS M 90 -75.09 18.81 35.78
N GLU M 91 -75.13 19.05 34.48
CA GLU M 91 -74.07 18.61 33.58
C GLU M 91 -72.80 19.39 33.83
N LEU M 92 -72.94 20.70 34.02
CA LEU M 92 -71.76 21.51 34.25
C LEU M 92 -71.20 21.12 35.60
N GLU M 93 -72.07 20.71 36.52
CA GLU M 93 -71.63 20.23 37.82
C GLU M 93 -70.75 18.99 37.65
N VAL M 94 -71.18 18.11 36.74
CA VAL M 94 -70.39 16.92 36.41
C VAL M 94 -69.01 17.29 35.84
N VAL M 95 -69.01 18.30 34.97
CA VAL M 95 -67.78 18.81 34.37
C VAL M 95 -66.82 19.36 35.42
N ILE M 96 -67.34 20.21 36.30
CA ILE M 96 -66.54 20.80 37.35
C ILE M 96 -66.00 19.72 38.27
N ASN M 97 -66.82 18.73 38.61
CA ASN M 97 -66.36 17.65 39.47
C ASN M 97 -65.19 16.91 38.80
N HIS M 98 -65.31 16.71 37.49
CA HIS M 98 -64.27 16.03 36.73
C HIS M 98 -62.96 16.82 36.73
N PHE M 99 -63.02 18.11 36.37
CA PHE M 99 -61.79 18.87 36.24
C PHE M 99 -61.21 19.20 37.61
N ASP M 100 -62.05 19.17 38.64
CA ASP M 100 -61.56 19.28 40.00
C ASP M 100 -60.77 18.03 40.35
N LYS M 101 -61.20 16.89 39.81
CA LYS M 101 -60.50 15.64 40.11
C LYS M 101 -59.32 15.43 39.17
N TYR M 102 -59.51 15.80 37.91
CA TYR M 102 -58.50 15.62 36.86
C TYR M 102 -58.18 16.93 36.15
N PRO M 103 -57.40 17.82 36.79
CA PRO M 103 -57.26 19.21 36.35
C PRO M 103 -56.54 19.44 35.04
N LEU M 104 -57.04 20.43 34.30
CA LEU M 104 -56.38 20.98 33.10
C LEU M 104 -55.01 21.52 33.43
N ILE M 105 -54.11 21.53 32.45
CA ILE M 105 -52.77 22.01 32.68
C ILE M 105 -52.32 23.08 31.66
N THR M 106 -53.14 23.35 30.65
CA THR M 106 -52.90 24.52 29.81
C THR M 106 -53.49 25.79 30.43
N GLN M 107 -53.33 26.92 29.75
CA GLN M 107 -53.90 28.19 30.21
C GLN M 107 -55.42 28.21 30.33
N LYS M 108 -56.08 27.26 29.68
CA LYS M 108 -57.54 27.15 29.80
C LYS M 108 -58.03 26.87 31.21
N ARG M 109 -57.14 26.34 32.05
CA ARG M 109 -57.44 26.20 33.46
C ARG M 109 -57.85 27.54 34.07
N ALA M 110 -57.20 28.61 33.63
CA ALA M 110 -57.52 29.91 34.19
C ALA M 110 -58.90 30.32 33.71
N ASP M 111 -59.20 30.01 32.45
CA ASP M 111 -60.53 30.28 31.94
C ASP M 111 -61.52 29.46 32.74
N TYR M 112 -61.12 28.24 33.04
CA TYR M 112 -61.97 27.35 33.79
C TYR M 112 -62.27 27.95 35.14
N LEU M 113 -61.25 28.56 35.75
CA LEU M 113 -61.43 29.06 37.08
C LEU M 113 -62.39 30.24 37.07
N LEU M 114 -62.28 31.07 36.04
CA LEU M 114 -63.21 32.16 35.90
C LEU M 114 -64.61 31.59 35.72
N PHE M 115 -64.68 30.62 34.82
CA PHE M 115 -65.94 29.95 34.56
C PHE M 115 -66.52 29.36 35.83
N LYS M 116 -65.67 28.77 36.66
CA LYS M 116 -66.22 28.11 37.82
C LYS M 116 -66.82 29.12 38.78
N LYS M 117 -66.15 30.26 38.93
CA LYS M 117 -66.70 31.27 39.82
C LYS M 117 -68.05 31.74 39.32
N ALA M 118 -68.14 31.93 38.00
CA ALA M 118 -69.39 32.39 37.44
C ALA M 118 -70.47 31.36 37.67
N PHE M 119 -70.10 30.10 37.46
CA PHE M 119 -71.05 29.03 37.64
C PHE M 119 -71.63 29.03 39.04
N TYR M 120 -70.76 29.28 40.02
CA TYR M 120 -71.20 29.26 41.40
C TYR M 120 -72.16 30.42 41.63
N LEU M 121 -71.79 31.60 41.12
CA LEU M 121 -72.63 32.79 41.19
C LEU M 121 -73.97 32.44 40.58
N ILE M 122 -73.94 31.74 39.45
CA ILE M 122 -75.16 31.38 38.77
C ILE M 122 -75.91 30.32 39.57
N LYS M 123 -75.19 29.31 40.07
CA LYS M 123 -75.82 28.25 40.87
C LYS M 123 -76.58 28.82 42.06
N ASN M 124 -76.04 29.87 42.66
CA ASN M 124 -76.63 30.49 43.85
C ASN M 124 -77.62 31.60 43.49
N LYS M 125 -77.86 31.79 42.20
CA LYS M 125 -78.86 32.74 41.70
C LYS M 125 -78.50 34.20 42.02
N GLU M 126 -77.24 34.42 42.36
CA GLU M 126 -76.71 35.76 42.62
C GLU M 126 -76.63 36.58 41.32
N HIS M 127 -76.71 35.89 40.19
CA HIS M 127 -76.69 36.55 38.89
C HIS M 127 -77.96 37.32 38.62
N LEU M 128 -78.96 37.13 39.47
CA LEU M 128 -80.25 37.77 39.29
C LEU M 128 -80.26 39.14 39.98
N THR M 129 -79.07 39.56 40.41
CA THR M 129 -78.90 40.87 41.03
C THR M 129 -78.02 41.71 40.12
N GLU M 130 -78.12 43.04 40.23
CA GLU M 130 -77.21 43.92 39.51
C GLU M 130 -75.75 43.66 39.91
N GLU M 131 -75.55 43.42 41.20
CA GLU M 131 -74.21 43.20 41.73
C GLU M 131 -73.56 41.93 41.19
N GLY M 132 -74.32 40.84 41.26
CA GLY M 132 -73.83 39.56 40.81
C GLY M 132 -73.60 39.58 39.32
N LEU M 133 -74.50 40.25 38.60
CA LEU M 133 -74.37 40.38 37.16
C LEU M 133 -73.08 41.11 36.82
N ASN M 134 -72.85 42.25 37.48
CA ASN M 134 -71.62 43.00 37.26
C ASN M 134 -70.38 42.19 37.55
N GLN M 135 -70.43 41.36 38.60
CA GLN M 135 -69.27 40.58 38.96
C GLN M 135 -69.02 39.54 37.87
N ILE M 136 -70.11 38.96 37.37
CA ILE M 136 -70.02 37.98 36.30
C ILE M 136 -69.35 38.62 35.11
N LEU M 137 -69.73 39.85 34.77
CA LEU M 137 -69.08 40.57 33.69
C LEU M 137 -67.59 40.78 33.97
N THR M 138 -67.23 41.02 35.23
CA THR M 138 -65.80 41.13 35.53
C THR M 138 -65.11 39.80 35.21
N LEU M 139 -65.79 38.68 35.45
CA LEU M 139 -65.23 37.37 35.13
C LEU M 139 -65.12 37.14 33.62
N LYS M 140 -66.21 37.43 32.90
CA LYS M 140 -66.30 37.27 31.45
C LYS M 140 -65.27 38.14 30.72
N ALA M 141 -64.98 39.31 31.29
CA ALA M 141 -64.06 40.25 30.66
C ALA M 141 -62.68 39.62 30.51
N SER M 142 -62.35 38.70 31.41
CA SER M 142 -61.04 38.05 31.39
C SER M 142 -61.14 36.64 30.80
N LEU M 143 -62.36 36.24 30.45
CA LEU M 143 -62.62 34.90 29.91
C LEU M 143 -62.57 34.90 28.39
N ASN M 144 -61.71 34.04 27.83
CA ASN M 144 -61.53 33.93 26.38
C ASN M 144 -61.34 35.30 25.74
N LEU M 145 -62.27 35.67 24.86
CA LEU M 145 -62.12 36.88 24.06
C LEU M 145 -62.60 38.11 24.83
N GLY M 146 -63.11 37.90 26.04
CA GLY M 146 -63.52 39.01 26.87
C GLY M 146 -64.85 39.61 26.46
N LEU M 147 -65.10 40.85 26.87
CA LEU M 147 -66.40 41.48 26.63
C LEU M 147 -66.40 42.07 25.22
N SER M 148 -67.51 41.87 24.52
CA SER M 148 -67.75 42.52 23.24
C SER M 148 -67.92 44.03 23.39
N GLU M 149 -67.81 44.72 22.26
CA GLU M 149 -68.03 46.16 22.19
C GLU M 149 -69.42 46.54 22.69
N GLU M 150 -70.42 45.76 22.29
CA GLU M 150 -71.80 45.97 22.72
C GLU M 150 -71.96 45.92 24.23
N LEU M 151 -71.33 44.92 24.86
CA LEU M 151 -71.40 44.76 26.31
C LEU M 151 -70.62 45.85 27.03
N LYS M 152 -69.49 46.24 26.44
CA LYS M 152 -68.71 47.36 26.97
C LYS M 152 -69.57 48.62 26.96
N GLU M 153 -70.31 48.82 25.87
CA GLU M 153 -71.19 49.97 25.72
C GLU M 153 -72.30 49.93 26.75
N ALA M 154 -72.82 48.73 27.01
CA ALA M 154 -73.93 48.57 27.95
C ALA M 154 -73.47 48.61 29.41
N PHE M 155 -72.24 48.19 29.65
CA PHE M 155 -71.69 48.14 31.01
C PHE M 155 -70.31 48.78 31.16
N PRO M 156 -70.22 50.09 30.93
CA PRO M 156 -68.91 50.75 30.93
C PRO M 156 -68.19 50.68 32.29
N ASN M 157 -66.93 51.12 32.31
CA ASN M 157 -66.06 51.10 33.48
C ASN M 157 -65.95 49.74 34.18
N THR M 158 -66.21 48.67 33.43
CA THR M 158 -66.13 47.31 33.96
C THR M 158 -64.64 46.97 34.15
N ILE M 159 -64.24 46.65 35.37
CA ILE M 159 -62.86 46.20 35.55
C ILE M 159 -62.76 44.68 35.64
N PRO M 160 -62.02 44.09 34.69
CA PRO M 160 -61.86 42.64 34.50
C PRO M 160 -61.25 41.94 35.70
N ALA M 161 -61.82 40.80 36.09
CA ALA M 161 -61.32 40.04 37.22
C ALA M 161 -59.87 39.62 36.98
N GLU M 162 -59.14 39.39 38.06
CA GLU M 162 -57.74 38.98 37.95
C GLU M 162 -57.68 37.60 37.30
N ARG M 163 -56.75 37.42 36.37
CA ARG M 163 -56.61 36.13 35.71
C ARG M 163 -55.34 35.43 36.16
N LEU M 164 -55.48 34.19 36.60
CA LEU M 164 -54.36 33.37 37.00
C LEU M 164 -53.37 33.14 35.86
N LEU M 165 -52.11 33.50 36.07
CA LEU M 165 -51.07 33.07 35.15
C LEU M 165 -50.66 31.66 35.56
N VAL M 166 -50.88 30.69 34.68
CA VAL M 166 -50.65 29.29 35.04
C VAL M 166 -49.18 28.96 34.80
N THR M 167 -48.50 28.51 35.86
CA THR M 167 -47.05 28.28 35.78
C THR M 167 -46.63 27.13 36.69
N GLY M 168 -45.49 26.52 36.37
CA GLY M 168 -44.90 25.47 37.16
C GLY M 168 -45.74 24.21 37.22
N GLN M 169 -46.46 23.94 36.14
CA GLN M 169 -47.39 22.82 36.09
C GLN M 169 -46.68 21.59 35.54
N GLU M 170 -46.81 20.47 36.25
CA GLU M 170 -46.23 19.20 35.81
C GLU M 170 -47.15 18.39 34.91
N ILE M 171 -46.57 17.62 34.00
CA ILE M 171 -47.33 16.65 33.22
C ILE M 171 -47.89 15.57 34.14
N PRO M 172 -49.23 15.52 34.28
CA PRO M 172 -49.82 14.63 35.28
C PRO M 172 -49.82 13.15 34.92
N ASP M 173 -49.77 12.85 33.62
CA ASP M 173 -49.94 11.47 33.15
C ASP M 173 -49.67 11.32 31.66
N SER M 174 -49.13 10.18 31.26
CA SER M 174 -48.85 9.92 29.85
C SER M 174 -50.10 9.99 28.98
N ASN M 175 -51.24 9.59 29.54
CA ASN M 175 -52.48 9.63 28.76
C ASN M 175 -52.97 11.05 28.54
N TRP M 176 -52.57 11.95 29.43
CA TRP M 176 -52.82 13.38 29.24
C TRP M 176 -52.13 13.79 27.96
N VAL M 177 -50.89 13.35 27.83
CA VAL M 177 -50.04 13.63 26.67
C VAL M 177 -50.69 13.05 25.42
N ALA M 178 -51.23 11.83 25.54
CA ALA M 178 -51.91 11.21 24.40
C ALA M 178 -53.11 12.04 23.94
N GLY M 179 -53.90 12.54 24.89
CA GLY M 179 -55.06 13.34 24.53
C GLY M 179 -54.65 14.68 23.92
N PHE M 180 -53.68 15.32 24.55
CA PHE M 180 -53.17 16.60 24.07
C PHE M 180 -52.61 16.49 22.66
N THR M 181 -51.87 15.41 22.40
CA THR M 181 -51.24 15.25 21.10
C THR M 181 -52.34 14.92 20.09
N ALA M 182 -53.36 14.21 20.57
CA ALA M 182 -54.49 13.88 19.70
C ALA M 182 -55.22 15.15 19.30
N GLY M 183 -55.14 16.19 20.13
CA GLY M 183 -55.72 17.47 19.76
C GLY M 183 -54.83 18.39 18.94
N GLU M 184 -53.63 18.65 19.43
CA GLU M 184 -52.76 19.69 18.87
C GLU M 184 -51.59 19.14 18.07
N GLY M 185 -51.43 17.82 18.04
CA GLY M 185 -50.23 17.26 17.44
C GLY M 185 -50.34 17.12 15.94
N SER M 186 -49.19 16.94 15.31
CA SER M 186 -49.13 16.69 13.88
C SER M 186 -48.00 15.71 13.55
N PHE M 187 -48.34 14.69 12.77
CA PHE M 187 -47.38 13.74 12.24
C PHE M 187 -47.30 13.92 10.73
N TYR M 188 -46.24 14.55 10.22
CA TYR M 188 -46.20 14.74 8.77
C TYR M 188 -44.85 14.41 8.19
N ILE M 189 -44.84 14.13 6.89
CA ILE M 189 -43.62 13.83 6.16
C ILE M 189 -43.23 15.04 5.32
N ARG M 190 -42.04 15.56 5.59
CA ARG M 190 -41.52 16.71 4.88
C ARG M 190 -40.61 16.27 3.74
N ILE M 191 -40.94 16.73 2.53
CA ILE M 191 -40.11 16.47 1.36
C ILE M 191 -39.59 17.79 0.79
N ALA M 192 -38.28 17.93 0.72
CA ALA M 192 -37.69 19.17 0.24
C ALA M 192 -36.92 18.96 -1.05
N LYS M 193 -37.20 19.75 -2.07
CA LYS M 193 -36.43 19.67 -3.31
C LYS M 193 -35.02 20.12 -2.98
N ASN M 194 -34.05 19.27 -3.31
CA ASN M 194 -32.66 19.52 -2.92
C ASN M 194 -31.72 18.73 -3.82
N SER M 195 -31.03 19.45 -4.70
CA SER M 195 -30.20 18.83 -5.72
C SER M 195 -29.01 18.07 -5.15
N THR M 196 -28.59 18.41 -3.93
CA THR M 196 -27.44 17.77 -3.31
C THR M 196 -27.73 16.34 -2.85
N LEU M 197 -28.97 15.90 -3.00
CA LEU M 197 -29.34 14.51 -2.74
C LEU M 197 -29.53 13.74 -4.03
N LYS M 198 -29.17 12.45 -4.00
CA LYS M 198 -29.22 11.62 -5.19
C LYS M 198 -30.62 11.57 -5.79
N THR M 199 -31.62 11.46 -4.93
CA THR M 199 -33.01 11.38 -5.38
C THR M 199 -33.52 12.76 -5.80
N GLY M 200 -32.79 13.80 -5.43
CA GLY M 200 -33.23 15.17 -5.70
C GLY M 200 -34.09 15.75 -4.59
N TYR M 201 -34.33 14.96 -3.55
CA TYR M 201 -35.18 15.40 -2.43
C TYR M 201 -34.68 14.89 -1.09
N GLN M 202 -34.70 15.76 -0.09
CA GLN M 202 -34.55 15.29 1.29
C GLN M 202 -35.91 14.82 1.79
N VAL M 203 -35.89 13.72 2.55
CA VAL M 203 -37.07 13.20 3.20
C VAL M 203 -36.91 13.21 4.71
N GLN M 204 -37.86 13.79 5.42
CA GLN M 204 -37.78 13.89 6.86
C GLN M 204 -39.12 13.49 7.47
N SER M 205 -39.07 12.71 8.54
CA SER M 205 -40.27 12.44 9.31
C SER M 205 -40.35 13.45 10.43
N VAL M 206 -41.52 14.08 10.59
CA VAL M 206 -41.65 15.17 11.54
C VAL M 206 -42.80 14.95 12.51
N PHE M 207 -42.51 15.15 13.79
CA PHE M 207 -43.56 15.22 14.81
C PHE M 207 -43.59 16.62 15.39
N GLN M 208 -44.80 17.14 15.62
CA GLN M 208 -44.93 18.55 15.97
C GLN M 208 -46.07 18.81 16.94
N ILE M 209 -45.90 19.77 17.85
CA ILE M 209 -47.03 20.27 18.61
C ILE M 209 -47.00 21.79 18.56
N THR M 210 -48.14 22.41 18.29
CA THR M 210 -48.20 23.85 18.12
C THR M 210 -49.05 24.49 19.20
N GLN M 211 -48.63 25.65 19.71
CA GLN M 211 -49.43 26.34 20.71
C GLN M 211 -48.99 27.79 20.76
N ASP M 212 -49.94 28.70 21.04
CA ASP M 212 -49.63 30.12 21.16
C ASP M 212 -48.62 30.46 22.26
N THR M 213 -47.87 31.54 22.06
CA THR M 213 -46.78 31.90 22.95
C THR M 213 -47.31 32.28 24.33
N ARG M 214 -47.53 31.27 25.17
CA ARG M 214 -48.00 31.52 26.54
C ARG M 214 -47.73 30.34 27.45
N ASP M 215 -47.53 29.16 26.86
CA ASP M 215 -47.26 27.93 27.59
C ASP M 215 -45.90 27.34 27.22
N ILE M 216 -44.92 28.22 26.97
CA ILE M 216 -43.60 27.76 26.56
C ILE M 216 -42.94 26.95 27.69
N GLU M 217 -43.25 27.31 28.94
CA GLU M 217 -42.69 26.60 30.07
C GLU M 217 -43.19 25.15 30.01
N LEU M 218 -44.48 25.03 29.73
CA LEU M 218 -45.13 23.75 29.55
C LEU M 218 -44.50 22.98 28.40
N MET M 219 -44.23 23.67 27.29
CA MET M 219 -43.64 23.05 26.10
C MET M 219 -42.27 22.46 26.42
N LYS M 220 -41.49 23.22 27.19
CA LYS M 220 -40.19 22.74 27.62
C LYS M 220 -40.39 21.53 28.52
N ASN M 221 -41.46 21.55 29.31
CA ASN M 221 -41.74 20.37 30.14
C ASN M 221 -42.10 19.15 29.29
N LEU M 222 -42.76 19.35 28.14
CA LEU M 222 -43.06 18.22 27.25
C LEU M 222 -41.78 17.69 26.61
N ILE M 223 -40.85 18.61 26.35
CA ILE M 223 -39.55 18.22 25.81
C ILE M 223 -38.79 17.38 26.83
N SER M 224 -38.80 17.83 28.08
CA SER M 224 -38.17 17.08 29.16
C SER M 224 -38.85 15.72 29.36
N TYR M 225 -40.18 15.68 29.25
CA TYR M 225 -40.94 14.48 29.53
C TYR M 225 -40.69 13.43 28.45
N LEU M 226 -40.66 13.88 27.21
CA LEU M 226 -40.43 12.98 26.08
C LEU M 226 -38.94 12.81 25.82
N ASN M 227 -38.15 13.68 26.45
CA ASN M 227 -36.68 13.70 26.40
C ASN M 227 -36.13 14.05 25.01
N CYS M 228 -36.92 14.79 24.24
CA CYS M 228 -36.48 15.23 22.91
C CYS M 228 -37.30 16.40 22.34
N GLY M 229 -36.82 16.91 21.21
CA GLY M 229 -37.47 17.97 20.45
C GLY M 229 -36.84 19.33 20.67
N ASN M 230 -37.04 20.23 19.71
CA ASN M 230 -36.62 21.63 19.86
C ASN M 230 -37.78 22.63 19.77
N ILE M 231 -37.61 23.79 20.38
CA ILE M 231 -38.57 24.89 20.27
C ILE M 231 -38.30 25.84 19.10
N ARG M 232 -39.34 26.09 18.29
CA ARG M 232 -39.23 27.06 17.19
C ARG M 232 -40.28 28.15 17.45
N ILE M 233 -39.84 29.40 17.49
CA ILE M 233 -40.78 30.50 17.69
C ILE M 233 -41.04 31.27 16.39
N ARG M 234 -42.31 31.36 16.03
CA ARG M 234 -42.72 32.20 14.90
C ARG M 234 -43.64 33.32 15.35
N THR M 245 -45.58 34.68 17.51
CA THR M 245 -46.99 34.50 17.86
C THR M 245 -47.28 33.08 18.31
N CYS M 246 -46.87 32.10 17.51
CA CYS M 246 -46.94 30.69 17.92
C CYS M 246 -45.58 30.05 18.22
N VAL M 247 -45.61 29.03 19.08
CA VAL M 247 -44.46 28.19 19.38
C VAL M 247 -44.71 26.76 18.88
N ASP M 248 -43.68 26.15 18.29
CA ASP M 248 -43.71 24.73 17.95
C ASP M 248 -42.70 23.88 18.72
N LEU M 249 -43.16 22.76 19.26
CA LEU M 249 -42.28 21.66 19.68
C LEU M 249 -42.06 20.78 18.45
N VAL M 250 -40.81 20.64 18.01
CA VAL M 250 -40.52 19.87 16.81
C VAL M 250 -39.50 18.75 17.02
N VAL M 251 -39.91 17.52 16.71
CA VAL M 251 -39.02 16.38 16.71
C VAL M 251 -38.73 15.92 15.27
N THR M 252 -37.46 16.02 14.88
CA THR M 252 -37.00 15.67 13.54
C THR M 252 -35.96 14.55 13.56
N ASN M 253 -35.29 14.38 14.69
CA ASN M 253 -34.28 13.34 14.86
C ASN M 253 -34.90 11.96 14.62
N LEU M 254 -34.32 11.21 13.69
CA LEU M 254 -34.91 9.96 13.24
C LEU M 254 -35.00 8.86 14.30
N ASN M 255 -33.96 8.64 15.09
CA ASN M 255 -34.11 7.65 16.17
C ASN M 255 -34.53 8.21 17.52
N ASP M 256 -34.87 9.50 17.57
CA ASP M 256 -35.72 9.98 18.65
C ASP M 256 -37.15 9.56 18.34
N ILE M 257 -37.51 9.68 17.07
CA ILE M 257 -38.81 9.25 16.59
C ILE M 257 -38.92 7.75 16.77
N LYS M 258 -37.86 7.05 16.36
CA LYS M 258 -37.80 5.60 16.42
C LYS M 258 -37.78 5.06 17.85
N GLU M 259 -36.98 5.67 18.71
CA GLU M 259 -36.74 5.09 20.03
C GLU M 259 -37.46 5.78 21.18
N LYS M 260 -38.12 6.90 20.91
CA LYS M 260 -38.82 7.61 21.99
C LYS M 260 -40.31 7.82 21.71
N ILE M 261 -40.59 8.58 20.64
CA ILE M 261 -41.95 8.94 20.26
C ILE M 261 -42.90 7.80 19.88
N ILE M 262 -42.46 6.94 18.97
CA ILE M 262 -43.29 5.82 18.50
C ILE M 262 -43.62 4.80 19.60
N PRO M 263 -42.63 4.39 20.42
CA PRO M 263 -43.02 3.48 21.50
C PRO M 263 -44.01 4.14 22.46
N PHE M 264 -43.83 5.43 22.69
CA PHE M 264 -44.70 6.19 23.57
C PHE M 264 -46.13 6.16 23.05
N PHE M 265 -46.33 6.48 21.78
CA PHE M 265 -47.70 6.59 21.30
C PHE M 265 -48.23 5.21 20.93
N ASN M 266 -47.36 4.21 20.96
CA ASN M 266 -47.78 2.83 20.77
C ASN M 266 -48.40 2.35 22.07
N LYS M 267 -47.84 2.85 23.18
CA LYS M 267 -48.34 2.52 24.51
C LYS M 267 -49.42 3.50 24.95
N ASN M 268 -49.25 4.76 24.57
CA ASN M 268 -50.21 5.81 24.88
C ASN M 268 -50.90 6.23 23.60
N HIS M 269 -52.09 5.68 23.37
CA HIS M 269 -52.68 5.67 22.03
C HIS M 269 -53.20 7.02 21.60
N ILE M 270 -52.90 7.39 20.36
CA ILE M 270 -53.55 8.51 19.70
C ILE M 270 -54.99 8.11 19.41
N ILE M 271 -55.94 9.04 19.58
CA ILE M 271 -57.32 8.75 19.25
C ILE M 271 -57.77 9.55 18.03
N GLY M 272 -58.86 9.09 17.42
CA GLY M 272 -59.46 9.80 16.31
C GLY M 272 -58.78 9.48 14.99
N VAL M 273 -59.23 10.11 13.92
CA VAL M 273 -58.66 9.87 12.60
C VAL M 273 -57.15 10.08 12.54
N LYS M 274 -56.62 10.98 13.37
CA LYS M 274 -55.19 11.23 13.38
C LYS M 274 -54.36 10.00 13.73
N LEU M 275 -54.98 9.01 14.38
CA LEU M 275 -54.29 7.77 14.69
C LEU M 275 -53.92 7.06 13.41
N GLN M 276 -54.82 7.12 12.44
CA GLN M 276 -54.57 6.49 11.17
C GLN M 276 -53.44 7.22 10.48
N ASP M 277 -53.42 8.55 10.63
CA ASP M 277 -52.34 9.31 10.02
C ASP M 277 -51.06 8.92 10.72
N TYR M 278 -51.16 8.75 12.03
CA TYR M 278 -50.03 8.30 12.82
C TYR M 278 -49.53 6.98 12.28
N ARG M 279 -50.45 6.06 12.04
CA ARG M 279 -50.05 4.76 11.52
C ARG M 279 -49.31 4.90 10.21
N ASP M 280 -49.86 5.69 9.28
CA ASP M 280 -49.18 5.90 8.01
C ASP M 280 -47.83 6.54 8.23
N TRP M 281 -47.80 7.51 9.14
CA TRP M 281 -46.56 8.17 9.47
C TRP M 281 -45.53 7.17 9.97
N CYS M 282 -45.97 6.27 10.85
CA CYS M 282 -45.10 5.21 11.34
C CYS M 282 -44.54 4.37 10.21
N LYS M 283 -45.41 4.05 9.25
CA LYS M 283 -45.01 3.19 8.16
C LYS M 283 -43.92 3.86 7.36
N VAL M 284 -44.09 5.15 7.11
CA VAL M 284 -43.08 5.85 6.34
C VAL M 284 -41.78 5.93 7.12
N VAL M 285 -41.89 6.11 8.44
CA VAL M 285 -40.69 6.14 9.25
C VAL M 285 -39.94 4.83 9.13
N THR M 286 -40.68 3.72 9.11
CA THR M 286 -40.05 2.42 8.91
C THR M 286 -39.30 2.36 7.60
N LEU M 287 -39.97 2.78 6.53
CA LEU M 287 -39.36 2.81 5.21
C LEU M 287 -38.12 3.70 5.24
N ILE M 288 -38.18 4.80 5.96
CA ILE M 288 -37.03 5.69 6.05
C ILE M 288 -35.88 5.00 6.78
N ASP M 289 -36.20 4.29 7.84
CA ASP M 289 -35.19 3.60 8.64
C ASP M 289 -34.44 2.59 7.83
N ASN M 290 -35.11 2.05 6.84
CA ASN M 290 -34.50 1.06 5.96
C ASN M 290 -33.96 1.67 4.67
N LYS M 291 -33.77 2.98 4.68
CA LYS M 291 -33.09 3.70 3.60
C LYS M 291 -33.80 3.64 2.26
N GLU M 292 -35.08 3.26 2.28
CA GLU M 292 -35.85 3.14 1.05
C GLU M 292 -36.19 4.52 0.48
N HIS M 293 -36.06 5.54 1.32
CA HIS M 293 -36.26 6.93 0.91
C HIS M 293 -35.14 7.43 0.00
N LEU M 294 -34.05 6.68 -0.07
CA LEU M 294 -32.88 7.03 -0.89
C LEU M 294 -32.94 6.48 -2.30
N THR M 295 -34.08 5.90 -2.68
CA THR M 295 -34.28 5.42 -4.04
C THR M 295 -35.45 6.15 -4.68
N SER M 296 -35.43 6.27 -6.01
CA SER M 296 -36.49 6.93 -6.76
C SER M 296 -37.86 6.26 -6.53
N GLU M 297 -37.88 4.93 -6.64
CA GLU M 297 -39.11 4.18 -6.46
C GLU M 297 -39.68 4.40 -5.06
N GLY M 298 -38.82 4.29 -4.06
CA GLY M 298 -39.22 4.50 -2.68
C GLY M 298 -39.70 5.92 -2.44
N LEU M 299 -39.03 6.88 -3.06
CA LEU M 299 -39.43 8.29 -2.96
C LEU M 299 -40.83 8.51 -3.54
N GLU M 300 -41.10 7.87 -4.67
CA GLU M 300 -42.44 7.88 -5.27
C GLU M 300 -43.45 7.28 -4.32
N LYS M 301 -43.07 6.17 -3.70
CA LYS M 301 -43.88 5.50 -2.70
C LYS M 301 -44.26 6.49 -1.60
N ILE M 302 -43.26 7.18 -1.04
CA ILE M 302 -43.48 8.10 0.06
C ILE M 302 -44.37 9.25 -0.36
N GLN M 303 -44.10 9.85 -1.51
CA GLN M 303 -44.96 10.89 -2.04
C GLN M 303 -46.42 10.43 -2.11
N LYS M 304 -46.60 9.20 -2.58
CA LYS M 304 -47.93 8.61 -2.70
C LYS M 304 -48.62 8.46 -1.34
N ILE M 305 -47.87 8.01 -0.34
CA ILE M 305 -48.41 7.87 1.01
C ILE M 305 -48.76 9.22 1.62
N LYS M 306 -47.83 10.17 1.49
CA LYS M 306 -47.99 11.53 1.99
C LYS M 306 -49.23 12.18 1.41
N GLU M 307 -49.49 11.93 0.13
CA GLU M 307 -50.64 12.54 -0.55
C GLU M 307 -51.94 12.01 0.04
N GLY M 308 -51.87 10.88 0.73
CA GLY M 308 -53.03 10.28 1.35
C GLY M 308 -53.13 10.53 2.84
N MET M 309 -52.28 11.41 3.36
CA MET M 309 -52.24 11.71 4.78
C MET M 309 -52.84 13.07 5.11
N ASN M 310 -53.29 13.23 6.35
CA ASN M 310 -53.73 14.51 6.89
C ASN M 310 -54.79 15.19 6.02
N ARG M 311 -54.50 16.41 5.58
CA ARG M 311 -55.45 17.19 4.80
C ARG M 311 -55.83 16.53 3.49
N GLY M 312 -54.95 15.69 2.96
CA GLY M 312 -55.24 15.02 1.70
C GLY M 312 -56.09 13.77 1.88
N ARG M 313 -56.36 13.40 3.13
CA ARG M 313 -57.20 12.25 3.40
C ARG M 313 -58.64 12.64 3.09
N SER M 314 -59.36 11.80 2.36
CA SER M 314 -60.71 12.14 1.92
C SER M 314 -61.72 11.95 3.05
#